data_7B3N
#
_entry.id   7B3N
#
_cell.length_a   64.539
_cell.length_b   97.988
_cell.length_c   148.723
_cell.angle_alpha   90.000
_cell.angle_beta   90.000
_cell.angle_gamma   90.000
#
_symmetry.space_group_name_H-M   'P 21 21 21'
#
loop_
_entity.id
_entity.type
_entity.pdbx_description
1 polymer 'Cell wall hydrolase'
2 non-polymer 'ZINC ION'
3 non-polymer GLYCEROL
4 non-polymer '4-(2-HYDROXYETHYL)-1-PIPERAZINE ETHANESULFONIC ACID'
5 non-polymer 'SULFATE ION'
6 non-polymer 'SODIUM ION'
7 non-polymer 'CHLORIDE ION'
8 water water
#
_entity_poly.entity_id   1
_entity_poly.type   'polypeptide(L)'
_entity_poly.pdbx_seq_one_letter_code
;MVRRQAPSAYIVLDPGHGGQDPGAVAPDGTREADLNLAQALTLKEYLVALGYRVGFTRTSDVYVPLSERIAMARRMGARL
FISVHHDTPTASRPGVYYSPHPGSEELARTVAAALGEGAWVRPSSASRFGRLYIDDFPGPAILVEFGPTRPISRAERIAR
AQAVASPIAEFARRWTA
;
_entity_poly.pdbx_strand_id   A,B,C,D,E
#
# COMPACT_ATOMS: atom_id res chain seq x y z
N PRO A 7 21.56 -7.30 25.84
CA PRO A 7 20.90 -6.06 25.38
C PRO A 7 19.37 -6.24 25.42
N SER A 8 18.67 -5.42 26.20
CA SER A 8 17.20 -5.48 26.37
CA SER A 8 17.21 -5.48 26.37
C SER A 8 16.64 -4.06 26.56
N ALA A 9 15.56 -3.75 25.89
CA ALA A 9 15.05 -2.38 25.77
C ALA A 9 13.61 -2.42 25.30
N TYR A 10 12.83 -1.48 25.80
CA TYR A 10 11.43 -1.32 25.42
C TYR A 10 11.33 -0.46 24.15
N ILE A 11 12.15 0.57 24.07
CA ILE A 11 12.16 1.55 22.93
C ILE A 11 13.54 1.44 22.27
N VAL A 12 13.57 1.27 20.95
CA VAL A 12 14.85 1.29 20.21
C VAL A 12 14.86 2.54 19.33
N LEU A 13 15.95 3.30 19.44
CA LEU A 13 16.26 4.46 18.60
C LEU A 13 17.22 4.01 17.51
N ASP A 14 16.94 4.46 16.31
CA ASP A 14 17.71 4.03 15.13
C ASP A 14 18.20 5.28 14.41
N PRO A 15 19.43 5.78 14.70
CA PRO A 15 20.04 6.89 13.94
C PRO A 15 20.30 6.45 12.49
N GLY A 16 19.59 7.04 11.56
CA GLY A 16 19.68 6.67 10.14
C GLY A 16 21.10 6.77 9.60
N HIS A 17 21.45 5.91 8.66
CA HIS A 17 22.70 6.04 7.92
C HIS A 17 23.82 5.69 8.87
N GLY A 18 25.03 6.18 8.57
CA GLY A 18 26.24 5.93 9.37
C GLY A 18 27.39 5.41 8.53
N GLY A 19 28.62 5.65 9.02
CA GLY A 19 29.85 5.18 8.38
C GLY A 19 29.93 5.71 6.95
N GLN A 20 29.98 4.81 5.97
CA GLN A 20 30.09 5.10 4.51
C GLN A 20 28.79 5.72 3.96
N ASP A 21 27.66 5.60 4.68
CA ASP A 21 26.38 6.25 4.27
C ASP A 21 26.20 7.54 5.05
N PRO A 22 26.43 8.72 4.43
CA PRO A 22 26.30 9.98 5.16
C PRO A 22 24.86 10.47 5.33
N GLY A 23 23.93 9.88 4.58
CA GLY A 23 22.58 10.43 4.38
C GLY A 23 22.72 11.72 3.60
N ALA A 24 21.86 12.69 3.84
CA ALA A 24 21.92 14.02 3.17
C ALA A 24 23.18 14.74 3.68
N VAL A 25 23.79 15.57 2.83
CA VAL A 25 24.98 16.39 3.20
C VAL A 25 24.65 17.85 2.94
N ALA A 26 24.81 18.72 3.93
CA ALA A 26 24.56 20.17 3.80
C ALA A 26 25.67 20.76 2.93
N PRO A 27 25.45 21.92 2.26
CA PRO A 27 26.50 22.59 1.48
C PRO A 27 27.80 22.83 2.26
N ASP A 28 27.70 23.00 3.59
CA ASP A 28 28.85 23.16 4.53
C ASP A 28 29.50 21.81 4.93
N GLY A 29 28.97 20.66 4.48
CA GLY A 29 29.56 19.34 4.82
C GLY A 29 28.90 18.66 6.04
N THR A 30 27.92 19.28 6.71
CA THR A 30 27.22 18.58 7.83
C THR A 30 26.61 17.29 7.28
N ARG A 31 26.89 16.14 7.91
CA ARG A 31 26.28 14.86 7.47
C ARG A 31 25.03 14.55 8.28
N GLU A 32 23.94 14.23 7.61
CA GLU A 32 22.73 13.71 8.25
C GLU A 32 23.09 12.60 9.27
N ALA A 33 23.98 11.67 8.90
CA ALA A 33 24.37 10.54 9.78
C ALA A 33 24.80 11.07 11.15
N ASP A 34 25.54 12.20 11.21
CA ASP A 34 26.08 12.73 12.50
C ASP A 34 24.95 13.41 13.26
N LEU A 35 24.09 14.15 12.56
CA LEU A 35 22.92 14.81 13.21
C LEU A 35 22.04 13.73 13.80
N ASN A 36 21.84 12.62 13.04
CA ASN A 36 20.99 11.49 13.49
C ASN A 36 21.50 10.93 14.82
N LEU A 37 22.80 10.59 14.90
CA LEU A 37 23.36 9.94 16.09
C LEU A 37 23.23 10.90 17.28
N ALA A 38 23.65 12.16 17.08
CA ALA A 38 23.56 13.22 18.13
C ALA A 38 22.12 13.37 18.61
N GLN A 39 21.14 13.41 17.68
CA GLN A 39 19.74 13.64 18.07
C GLN A 39 19.27 12.42 18.88
N ALA A 40 19.66 11.21 18.45
CA ALA A 40 19.19 9.96 19.09
C ALA A 40 19.80 9.85 20.49
N LEU A 41 21.06 10.25 20.65
CA LEU A 41 21.75 10.20 21.97
C LEU A 41 21.02 11.13 22.92
N THR A 42 20.65 12.33 22.46
CA THR A 42 19.95 13.31 23.31
C THR A 42 18.55 12.78 23.65
N LEU A 43 17.83 12.24 22.68
CA LEU A 43 16.47 11.70 22.93
C LEU A 43 16.54 10.58 23.96
N LYS A 44 17.53 9.69 23.87
CA LYS A 44 17.67 8.56 24.84
C LYS A 44 17.71 9.14 26.26
N GLU A 45 18.45 10.24 26.49
CA GLU A 45 18.60 10.82 27.84
C GLU A 45 17.22 11.23 28.37
N TYR A 46 16.36 11.84 27.53
CA TYR A 46 14.98 12.23 27.91
C TYR A 46 14.11 11.01 28.14
N LEU A 47 14.20 9.97 27.31
CA LEU A 47 13.35 8.77 27.53
C LEU A 47 13.76 8.03 28.81
N VAL A 48 15.05 8.01 29.12
CA VAL A 48 15.54 7.31 30.35
C VAL A 48 15.02 8.08 31.59
N ALA A 49 15.05 9.40 31.55
CA ALA A 49 14.56 10.30 32.62
C ALA A 49 13.06 10.10 32.81
N LEU A 50 12.32 9.72 31.75
CA LEU A 50 10.88 9.40 31.85
C LEU A 50 10.66 7.94 32.24
N GLY A 51 11.72 7.16 32.46
CA GLY A 51 11.65 5.83 33.12
C GLY A 51 11.62 4.66 32.15
N TYR A 52 12.07 4.85 30.89
CA TYR A 52 12.09 3.80 29.83
C TYR A 52 13.52 3.27 29.63
N ARG A 53 13.62 1.96 29.38
CA ARG A 53 14.80 1.21 28.90
C ARG A 53 14.89 1.47 27.39
N VAL A 54 15.97 2.10 26.96
CA VAL A 54 16.17 2.58 25.57
C VAL A 54 17.42 1.89 25.03
N GLY A 55 17.33 1.38 23.82
CA GLY A 55 18.48 0.75 23.16
C GLY A 55 18.69 1.46 21.85
N PHE A 56 19.82 1.20 21.20
CA PHE A 56 20.17 1.81 19.91
C PHE A 56 20.53 0.74 18.89
N THR A 57 20.33 1.05 17.62
CA THR A 57 20.77 0.16 16.52
C THR A 57 22.24 0.51 16.25
N ARG A 58 22.65 1.74 16.58
CA ARG A 58 24.05 2.16 16.45
C ARG A 58 24.35 3.35 17.35
N THR A 59 25.59 3.35 17.86
CA THR A 59 26.07 4.30 18.87
C THR A 59 27.34 4.99 18.36
N SER A 60 27.71 4.79 17.11
CA SER A 60 28.94 5.32 16.52
C SER A 60 28.76 5.46 15.00
N ASP A 61 29.75 6.01 14.36
CA ASP A 61 29.72 6.35 12.92
C ASP A 61 30.07 5.11 12.12
N VAL A 62 29.28 4.06 12.23
CA VAL A 62 29.47 2.83 11.43
C VAL A 62 28.10 2.57 10.77
N TYR A 63 28.12 2.01 9.57
CA TYR A 63 26.89 1.61 8.85
C TYR A 63 26.38 0.28 9.42
N VAL A 64 25.11 0.27 9.85
CA VAL A 64 24.40 -0.98 10.25
C VAL A 64 23.40 -1.30 9.13
N PRO A 65 23.49 -2.51 8.55
CA PRO A 65 22.54 -2.93 7.49
C PRO A 65 21.12 -2.76 7.97
N LEU A 66 20.26 -2.31 7.08
CA LEU A 66 18.83 -2.08 7.39
C LEU A 66 18.19 -3.29 8.08
N SER A 67 18.42 -4.53 7.63
CA SER A 67 17.76 -5.72 8.22
C SER A 67 18.30 -5.96 9.65
N GLU A 68 19.54 -5.63 9.88
CA GLU A 68 20.18 -5.82 11.21
C GLU A 68 19.62 -4.80 12.20
N ARG A 69 19.30 -3.59 11.75
CA ARG A 69 18.66 -2.56 12.63
C ARG A 69 17.36 -3.17 13.19
N ILE A 70 16.58 -3.79 12.33
CA ILE A 70 15.30 -4.44 12.69
C ILE A 70 15.55 -5.70 13.54
N ALA A 71 16.48 -6.56 13.13
CA ALA A 71 16.77 -7.79 13.89
C ALA A 71 17.26 -7.43 15.30
N MET A 72 18.07 -6.39 15.46
CA MET A 72 18.70 -6.02 16.76
C MET A 72 17.57 -5.58 17.69
N ALA A 73 16.61 -4.85 17.12
CA ALA A 73 15.46 -4.31 17.88
C ALA A 73 14.62 -5.48 18.39
N ARG A 74 14.37 -6.45 17.53
CA ARG A 74 13.59 -7.66 17.92
C ARG A 74 14.34 -8.45 19.01
N ARG A 75 15.66 -8.60 18.88
CA ARG A 75 16.50 -9.35 19.86
C ARG A 75 16.46 -8.65 21.22
N MET A 76 16.40 -7.33 21.24
CA MET A 76 16.36 -6.54 22.48
C MET A 76 14.97 -6.60 23.12
N GLY A 77 13.99 -7.18 22.43
CA GLY A 77 12.56 -7.23 22.84
C GLY A 77 11.90 -5.86 22.78
N ALA A 78 12.33 -4.98 21.86
CA ALA A 78 11.73 -3.63 21.72
C ALA A 78 10.24 -3.75 21.38
N ARG A 79 9.42 -2.86 21.89
CA ARG A 79 7.99 -2.74 21.51
C ARG A 79 7.83 -1.60 20.50
N LEU A 80 8.69 -0.60 20.54
CA LEU A 80 8.59 0.61 19.70
C LEU A 80 9.92 0.78 18.98
N PHE A 81 9.86 1.13 17.70
CA PHE A 81 11.05 1.36 16.84
C PHE A 81 10.94 2.79 16.30
N ILE A 82 11.87 3.65 16.69
CA ILE A 82 11.90 5.08 16.32
C ILE A 82 13.17 5.34 15.54
N SER A 83 13.01 5.49 14.24
CA SER A 83 14.12 5.87 13.37
C SER A 83 14.27 7.41 13.37
N VAL A 84 15.52 7.86 13.46
CA VAL A 84 15.91 9.28 13.60
C VAL A 84 16.63 9.71 12.32
N HIS A 85 16.01 10.59 11.55
CA HIS A 85 16.55 11.13 10.28
C HIS A 85 16.39 12.65 10.22
N HIS A 86 17.16 13.24 9.31
CA HIS A 86 17.04 14.67 8.92
C HIS A 86 16.83 14.70 7.41
N ASP A 87 16.07 15.68 6.93
CA ASP A 87 15.65 15.70 5.51
C ASP A 87 16.76 16.34 4.67
N THR A 88 16.56 16.42 3.36
CA THR A 88 17.47 17.16 2.44
C THR A 88 17.64 18.59 2.95
N PRO A 89 18.75 19.29 2.62
CA PRO A 89 19.00 20.61 3.22
C PRO A 89 17.96 21.69 2.84
N THR A 90 17.15 21.48 1.80
CA THR A 90 16.10 22.47 1.38
C THR A 90 14.72 22.13 1.95
N ALA A 91 14.56 21.05 2.72
CA ALA A 91 13.27 20.71 3.37
C ALA A 91 12.87 21.85 4.31
N SER A 92 11.60 22.18 4.37
CA SER A 92 11.04 23.30 5.18
C SER A 92 10.41 22.75 6.46
N ARG A 93 9.93 21.50 6.43
CA ARG A 93 8.90 21.01 7.39
C ARG A 93 9.33 19.67 7.98
N PRO A 94 9.27 19.48 9.30
CA PRO A 94 9.54 18.17 9.88
C PRO A 94 8.33 17.26 9.68
N GLY A 95 8.54 15.95 9.83
CA GLY A 95 7.45 15.00 9.72
C GLY A 95 7.82 13.61 10.11
N VAL A 96 6.86 12.71 9.95
CA VAL A 96 6.99 11.31 10.40
C VAL A 96 6.41 10.38 9.36
N TYR A 97 7.20 9.42 8.96
CA TYR A 97 6.69 8.26 8.21
C TYR A 97 6.27 7.18 9.21
N TYR A 98 5.21 6.45 8.89
CA TYR A 98 4.74 5.34 9.76
C TYR A 98 4.60 4.08 8.95
N SER A 99 4.93 2.97 9.58
CA SER A 99 4.77 1.63 8.97
C SER A 99 3.28 1.27 8.98
N PRO A 100 2.88 0.22 8.22
CA PRO A 100 1.51 -0.25 8.22
C PRO A 100 1.20 -1.10 9.45
N HIS A 101 2.20 -1.34 10.28
CA HIS A 101 1.96 -2.15 11.50
C HIS A 101 0.96 -1.42 12.41
N PRO A 102 0.01 -2.12 13.05
CA PRO A 102 -0.86 -1.50 14.06
C PRO A 102 -0.19 -0.66 15.13
N GLY A 103 -0.73 0.55 15.33
CA GLY A 103 -0.15 1.52 16.27
C GLY A 103 0.89 2.45 15.67
N SER A 104 1.44 2.18 14.49
CA SER A 104 2.50 3.05 13.93
C SER A 104 1.96 4.46 13.67
N GLU A 105 0.83 4.52 12.96
CA GLU A 105 0.22 5.80 12.56
C GLU A 105 -0.18 6.60 13.79
N GLU A 106 -0.70 5.93 14.80
CA GLU A 106 -1.09 6.57 16.09
C GLU A 106 0.17 7.17 16.70
N LEU A 107 1.29 6.42 16.74
CA LEU A 107 2.53 6.92 17.34
C LEU A 107 3.03 8.12 16.53
N ALA A 108 3.03 8.02 15.19
CA ALA A 108 3.49 9.09 14.29
C ALA A 108 2.70 10.39 14.55
N ARG A 109 1.37 10.30 14.68
CA ARG A 109 0.50 11.49 14.83
C ARG A 109 0.79 12.13 16.18
N THR A 110 1.04 11.35 17.22
CA THR A 110 1.28 11.96 18.56
CA THR A 110 1.29 11.94 18.56
C THR A 110 2.65 12.65 18.53
N VAL A 111 3.60 12.10 17.77
CA VAL A 111 4.93 12.69 17.67
C VAL A 111 4.82 13.92 16.78
N ALA A 112 4.15 13.83 15.64
CA ALA A 112 4.02 14.96 14.68
C ALA A 112 3.37 16.18 15.37
N ALA A 113 2.45 15.98 16.31
CA ALA A 113 1.74 17.04 17.07
C ALA A 113 2.73 17.84 17.91
N ALA A 114 3.91 17.28 18.21
CA ALA A 114 4.93 17.94 19.04
C ALA A 114 5.96 18.64 18.18
N LEU A 115 5.95 18.45 16.85
CA LEU A 115 7.04 18.91 15.96
C LEU A 115 6.72 20.31 15.40
N GLY A 116 5.60 20.92 15.78
CA GLY A 116 5.28 22.33 15.48
C GLY A 116 4.60 22.52 14.13
N GLU A 117 4.69 23.75 13.60
CA GLU A 117 3.92 24.25 12.43
C GLU A 117 4.37 23.50 11.18
N GLY A 118 3.40 23.05 10.40
CA GLY A 118 3.63 22.42 9.09
C GLY A 118 4.06 20.96 9.22
N ALA A 119 4.06 20.35 10.41
CA ALA A 119 4.45 18.91 10.55
C ALA A 119 3.52 18.05 9.68
N TRP A 120 4.08 17.05 9.00
CA TRP A 120 3.29 16.08 8.19
C TRP A 120 3.46 14.65 8.74
N VAL A 121 2.53 13.76 8.38
CA VAL A 121 2.71 12.28 8.54
C VAL A 121 2.47 11.67 7.17
N ARG A 122 3.21 10.63 6.83
CA ARG A 122 2.98 9.84 5.59
C ARG A 122 3.21 8.37 5.88
N PRO A 123 2.45 7.48 5.19
CA PRO A 123 2.67 6.06 5.28
C PRO A 123 3.98 5.82 4.53
N SER A 124 4.70 4.78 4.93
CA SER A 124 5.90 4.28 4.20
CA SER A 124 5.91 4.33 4.19
C SER A 124 5.58 4.14 2.70
N SER A 125 4.35 3.76 2.37
CA SER A 125 3.96 3.56 0.93
C SER A 125 4.06 4.86 0.11
N ALA A 126 4.16 6.05 0.72
CA ALA A 126 4.24 7.34 0.01
C ALA A 126 5.70 7.71 -0.24
N SER A 127 6.67 6.95 0.29
CA SER A 127 8.11 7.19 0.07
C SER A 127 8.46 6.81 -1.38
N ARG A 128 9.66 7.14 -1.83
CA ARG A 128 10.06 7.04 -3.25
C ARG A 128 9.75 5.65 -3.85
N PHE A 129 10.13 4.56 -3.16
CA PHE A 129 9.97 3.18 -3.68
C PHE A 129 8.76 2.45 -3.10
N GLY A 130 7.95 3.13 -2.29
CA GLY A 130 6.67 2.61 -1.82
C GLY A 130 6.83 1.75 -0.57
N ARG A 131 8.01 1.74 0.02
CA ARG A 131 8.32 0.91 1.23
C ARG A 131 9.45 1.58 2.04
N LEU A 132 9.50 1.37 3.36
CA LEU A 132 10.64 1.75 4.20
C LEU A 132 11.02 0.57 5.08
N TYR A 133 12.29 0.52 5.47
CA TYR A 133 12.79 -0.63 6.25
C TYR A 133 12.05 -0.76 7.59
N ILE A 134 11.52 0.34 8.10
CA ILE A 134 10.74 0.29 9.38
C ILE A 134 9.57 -0.69 9.26
N ASP A 135 9.07 -0.95 8.04
CA ASP A 135 7.87 -1.79 7.80
C ASP A 135 8.13 -3.25 8.23
N ASP A 136 9.40 -3.65 8.42
CA ASP A 136 9.78 -5.04 8.83
C ASP A 136 9.66 -5.21 10.35
N PHE A 137 9.58 -4.10 11.09
CA PHE A 137 9.51 -4.19 12.58
C PHE A 137 8.11 -4.64 13.03
N PRO A 138 7.99 -5.73 13.81
CA PRO A 138 6.68 -6.23 14.23
C PRO A 138 6.17 -5.48 15.47
N GLY A 139 5.91 -4.20 15.31
CA GLY A 139 5.48 -3.32 16.40
C GLY A 139 5.31 -1.94 15.81
N PRO A 140 4.77 -0.99 16.59
CA PRO A 140 4.75 0.42 16.16
C PRO A 140 6.17 0.87 15.77
N ALA A 141 6.27 1.43 14.58
CA ALA A 141 7.54 1.82 13.97
C ALA A 141 7.33 3.11 13.18
N ILE A 142 8.15 4.10 13.44
CA ILE A 142 8.11 5.41 12.74
C ILE A 142 9.51 5.82 12.34
N LEU A 143 9.57 6.73 11.38
CA LEU A 143 10.83 7.38 10.92
C LEU A 143 10.58 8.89 11.02
N VAL A 144 11.20 9.55 11.98
CA VAL A 144 11.04 10.99 12.22
C VAL A 144 12.06 11.75 11.37
N GLU A 145 11.58 12.64 10.49
CA GLU A 145 12.46 13.58 9.75
C GLU A 145 12.41 14.88 10.55
N PHE A 146 13.44 15.16 11.34
CA PHE A 146 13.55 16.36 12.21
C PHE A 146 13.96 17.59 11.38
N GLY A 147 13.38 17.81 10.22
CA GLY A 147 13.70 19.02 9.45
C GLY A 147 14.97 18.82 8.65
N PRO A 148 15.49 19.90 8.03
CA PRO A 148 16.57 19.79 7.07
C PRO A 148 17.91 19.43 7.71
N THR A 149 18.75 18.77 6.93
CA THR A 149 20.17 18.54 7.24
C THR A 149 20.88 19.90 7.15
N ARG A 150 21.38 20.37 8.28
CA ARG A 150 22.10 21.65 8.47
C ARG A 150 22.73 21.60 9.85
N PRO A 151 23.69 22.49 10.19
CA PRO A 151 24.26 22.50 11.52
C PRO A 151 23.11 22.65 12.52
N ILE A 152 23.15 21.87 13.60
CA ILE A 152 22.12 21.87 14.66
C ILE A 152 22.87 21.96 15.97
N SER A 153 22.56 22.97 16.76
CA SER A 153 23.21 23.22 18.06
C SER A 153 22.72 22.19 19.09
N ARG A 154 23.46 22.06 20.17
CA ARG A 154 23.05 21.30 21.36
C ARG A 154 21.67 21.76 21.83
N ALA A 155 21.41 23.07 21.93
CA ALA A 155 20.15 23.55 22.54
C ALA A 155 18.97 23.16 21.63
N GLU A 156 19.16 23.17 20.31
CA GLU A 156 18.09 22.78 19.36
C GLU A 156 17.83 21.26 19.54
N ARG A 157 18.88 20.47 19.69
CA ARG A 157 18.81 18.99 19.86
CA ARG A 157 18.85 19.00 19.88
C ARG A 157 18.03 18.69 21.14
N ILE A 158 18.33 19.40 22.22
CA ILE A 158 17.64 19.25 23.51
C ILE A 158 16.18 19.65 23.34
N ALA A 159 15.89 20.74 22.64
CA ALA A 159 14.48 21.21 22.45
C ALA A 159 13.72 20.15 21.67
N ARG A 160 14.33 19.59 20.64
CA ARG A 160 13.64 18.54 19.84
C ARG A 160 13.44 17.29 20.69
N ALA A 161 14.45 16.87 21.45
CA ALA A 161 14.36 15.67 22.30
C ALA A 161 13.22 15.84 23.29
N GLN A 162 13.16 16.98 23.97
CA GLN A 162 12.15 17.29 25.01
C GLN A 162 10.77 17.29 24.32
N ALA A 163 10.67 17.84 23.13
CA ALA A 163 9.37 17.92 22.39
C ALA A 163 8.82 16.49 22.16
N VAL A 164 9.62 15.59 21.61
CA VAL A 164 9.12 14.26 21.16
C VAL A 164 9.18 13.23 22.30
N ALA A 165 9.94 13.46 23.36
CA ALA A 165 10.11 12.43 24.41
C ALA A 165 8.76 12.17 25.06
N SER A 166 8.04 13.23 25.40
CA SER A 166 6.77 13.13 26.15
C SER A 166 5.71 12.33 25.39
N PRO A 167 5.38 12.66 24.13
CA PRO A 167 4.45 11.85 23.33
C PRO A 167 4.87 10.40 23.10
N ILE A 168 6.17 10.15 22.93
CA ILE A 168 6.66 8.74 22.80
C ILE A 168 6.34 8.02 24.13
N ALA A 169 6.72 8.62 25.25
CA ALA A 169 6.57 7.99 26.59
C ALA A 169 5.08 7.78 26.86
N GLU A 170 4.23 8.76 26.54
CA GLU A 170 2.76 8.63 26.72
C GLU A 170 2.19 7.55 25.79
N PHE A 171 2.66 7.44 24.53
CA PHE A 171 2.27 6.32 23.65
C PHE A 171 2.65 4.97 24.29
N ALA A 172 3.90 4.85 24.75
CA ALA A 172 4.44 3.60 25.31
C ALA A 172 3.59 3.23 26.54
N ARG A 173 3.21 4.22 27.33
CA ARG A 173 2.44 3.92 28.57
C ARG A 173 1.05 3.39 28.19
N ARG A 174 0.41 3.94 27.15
CA ARG A 174 -1.00 3.62 26.81
C ARG A 174 -1.13 2.43 25.86
N TRP A 175 -0.16 2.14 24.99
CA TRP A 175 -0.36 1.20 23.85
C TRP A 175 -0.08 -0.26 24.28
N ALA B 6 37.77 -16.58 -1.43
CA ALA B 6 37.86 -16.14 -2.87
C ALA B 6 36.72 -16.78 -3.66
N PRO B 7 35.49 -16.21 -3.59
CA PRO B 7 34.34 -16.67 -4.38
C PRO B 7 34.69 -17.10 -5.83
N SER B 8 34.30 -18.32 -6.23
CA SER B 8 34.52 -18.78 -7.63
C SER B 8 33.69 -17.85 -8.53
N ALA B 9 32.36 -17.81 -8.42
CA ALA B 9 31.55 -16.68 -8.93
C ALA B 9 31.39 -15.74 -7.74
N TYR B 10 31.48 -14.45 -7.99
CA TYR B 10 31.20 -13.43 -6.97
C TYR B 10 29.68 -13.19 -6.97
N ILE B 11 29.13 -13.03 -8.15
CA ILE B 11 27.69 -12.73 -8.39
C ILE B 11 27.09 -13.90 -9.14
N VAL B 12 25.94 -14.38 -8.67
CA VAL B 12 25.18 -15.38 -9.45
C VAL B 12 23.90 -14.73 -9.97
N LEU B 13 23.69 -14.83 -11.28
CA LEU B 13 22.46 -14.37 -11.93
C LEU B 13 21.58 -15.60 -12.10
N ASP B 14 20.32 -15.46 -11.72
CA ASP B 14 19.32 -16.54 -11.76
C ASP B 14 18.20 -16.15 -12.71
N PRO B 15 18.25 -16.54 -14.02
CA PRO B 15 17.12 -16.33 -14.93
C PRO B 15 15.92 -17.16 -14.49
N GLY B 16 14.85 -16.46 -14.09
CA GLY B 16 13.66 -17.06 -13.51
C GLY B 16 12.98 -18.04 -14.45
N HIS B 17 12.42 -19.11 -13.91
CA HIS B 17 11.64 -20.13 -14.68
C HIS B 17 12.61 -20.86 -15.61
N GLY B 18 12.13 -21.31 -16.76
CA GLY B 18 12.93 -22.07 -17.72
C GLY B 18 12.27 -23.41 -18.07
N GLY B 19 12.56 -23.94 -19.25
CA GLY B 19 12.05 -25.27 -19.66
C GLY B 19 10.54 -25.24 -19.78
N GLN B 20 9.86 -26.14 -19.07
CA GLN B 20 8.39 -26.28 -19.08
C GLN B 20 7.75 -25.20 -18.21
N ASP B 21 8.53 -24.38 -17.49
CA ASP B 21 7.98 -23.18 -16.78
C ASP B 21 8.27 -21.96 -17.64
N PRO B 22 7.27 -21.43 -18.39
CA PRO B 22 7.49 -20.27 -19.27
C PRO B 22 7.53 -18.95 -18.49
N GLY B 23 7.13 -18.97 -17.21
CA GLY B 23 6.76 -17.73 -16.51
C GLY B 23 5.53 -17.10 -17.13
N ALA B 24 5.44 -15.77 -17.08
CA ALA B 24 4.37 -15.02 -17.78
C ALA B 24 4.55 -15.19 -19.29
N VAL B 25 3.42 -15.23 -20.02
CA VAL B 25 3.43 -15.33 -21.51
C VAL B 25 2.66 -14.12 -22.08
N ALA B 26 3.31 -13.32 -22.89
CA ALA B 26 2.73 -12.13 -23.55
C ALA B 26 1.73 -12.56 -24.62
N PRO B 27 0.81 -11.67 -25.03
CA PRO B 27 -0.18 -12.00 -26.06
C PRO B 27 0.43 -12.44 -27.38
N ASP B 28 1.66 -12.03 -27.70
CA ASP B 28 2.35 -12.49 -28.94
C ASP B 28 3.08 -13.81 -28.69
N GLY B 29 3.04 -14.38 -27.46
CA GLY B 29 3.69 -15.67 -27.16
C GLY B 29 5.11 -15.55 -26.56
N THR B 30 5.64 -14.34 -26.41
CA THR B 30 6.93 -14.05 -25.75
C THR B 30 6.86 -14.65 -24.33
N ARG B 31 7.77 -15.54 -24.02
CA ARG B 31 7.84 -16.15 -22.67
C ARG B 31 8.80 -15.34 -21.77
N GLU B 32 8.38 -15.14 -20.53
CA GLU B 32 9.24 -14.48 -19.52
C GLU B 32 10.59 -15.27 -19.42
N ALA B 33 10.55 -16.60 -19.39
CA ALA B 33 11.72 -17.50 -19.25
C ALA B 33 12.81 -17.14 -20.25
N ASP B 34 12.42 -16.85 -21.52
CA ASP B 34 13.36 -16.44 -22.60
C ASP B 34 13.85 -15.00 -22.33
N LEU B 35 12.96 -14.10 -21.93
CA LEU B 35 13.34 -12.70 -21.61
C LEU B 35 14.36 -12.72 -20.46
N ASN B 36 14.16 -13.60 -19.50
CA ASN B 36 15.01 -13.63 -18.28
C ASN B 36 16.42 -14.12 -18.65
N LEU B 37 16.51 -15.17 -19.46
CA LEU B 37 17.81 -15.71 -19.87
C LEU B 37 18.53 -14.66 -20.71
N ALA B 38 17.88 -14.08 -21.71
CA ALA B 38 18.52 -13.05 -22.56
C ALA B 38 18.99 -11.87 -21.70
N GLN B 39 18.14 -11.36 -20.82
CA GLN B 39 18.53 -10.20 -19.99
C GLN B 39 19.73 -10.57 -19.09
N ALA B 40 19.74 -11.78 -18.53
CA ALA B 40 20.82 -12.19 -17.61
C ALA B 40 22.16 -12.30 -18.37
N LEU B 41 22.10 -12.83 -19.60
CA LEU B 41 23.29 -12.98 -20.45
C LEU B 41 23.86 -11.61 -20.79
N THR B 42 23.02 -10.61 -21.08
CA THR B 42 23.46 -9.23 -21.35
C THR B 42 24.04 -8.57 -20.09
N LEU B 43 23.36 -8.70 -18.96
CA LEU B 43 23.88 -8.16 -17.69
C LEU B 43 25.26 -8.77 -17.37
N LYS B 44 25.41 -10.07 -17.52
CA LYS B 44 26.68 -10.76 -17.22
C LYS B 44 27.84 -10.02 -17.92
N GLU B 45 27.68 -9.63 -19.19
CA GLU B 45 28.78 -8.99 -19.98
C GLU B 45 29.24 -7.70 -19.29
N TYR B 46 28.30 -6.90 -18.79
CA TYR B 46 28.61 -5.64 -18.09
C TYR B 46 29.25 -5.94 -16.76
N LEU B 47 28.69 -6.85 -15.97
CA LEU B 47 29.27 -7.11 -14.61
C LEU B 47 30.72 -7.63 -14.72
N VAL B 48 30.97 -8.51 -15.68
CA VAL B 48 32.33 -9.10 -15.91
C VAL B 48 33.28 -7.95 -16.33
N ALA B 49 32.82 -7.03 -17.17
CA ALA B 49 33.64 -5.87 -17.64
C ALA B 49 33.95 -4.96 -16.45
N LEU B 50 33.12 -4.97 -15.41
CA LEU B 50 33.32 -4.17 -14.18
C LEU B 50 34.13 -4.99 -13.15
N GLY B 51 34.61 -6.16 -13.51
CA GLY B 51 35.58 -6.88 -12.65
C GLY B 51 34.97 -7.96 -11.78
N TYR B 52 33.69 -8.31 -11.96
CA TYR B 52 33.03 -9.36 -11.16
C TYR B 52 32.92 -10.67 -11.93
N ARG B 53 33.27 -11.75 -11.25
CA ARG B 53 33.05 -13.12 -11.77
C ARG B 53 31.56 -13.42 -11.60
N VAL B 54 30.94 -13.88 -12.68
CA VAL B 54 29.46 -14.04 -12.74
C VAL B 54 29.19 -15.49 -13.05
N GLY B 55 28.39 -16.14 -12.21
CA GLY B 55 27.87 -17.48 -12.49
C GLY B 55 26.37 -17.43 -12.76
N PHE B 56 25.82 -18.49 -13.33
CA PHE B 56 24.40 -18.62 -13.71
C PHE B 56 23.82 -19.85 -13.05
N THR B 57 22.53 -19.83 -12.74
CA THR B 57 21.75 -21.02 -12.36
C THR B 57 21.42 -21.80 -13.62
N ARG B 58 21.31 -21.13 -14.76
CA ARG B 58 21.07 -21.84 -16.04
C ARG B 58 21.56 -20.90 -17.13
N THR B 59 22.03 -21.45 -18.24
CA THR B 59 22.42 -20.70 -19.45
C THR B 59 21.68 -21.29 -20.65
N SER B 60 20.64 -22.06 -20.40
CA SER B 60 19.80 -22.71 -21.43
C SER B 60 18.35 -22.79 -20.94
N ASP B 61 17.47 -23.23 -21.82
CA ASP B 61 16.02 -23.29 -21.57
C ASP B 61 15.72 -24.59 -20.81
N VAL B 62 16.04 -24.63 -19.53
CA VAL B 62 15.81 -25.81 -18.66
C VAL B 62 15.23 -25.24 -17.38
N TYR B 63 14.46 -26.03 -16.66
CA TYR B 63 13.97 -25.59 -15.35
C TYR B 63 14.98 -26.06 -14.32
N VAL B 64 15.28 -25.23 -13.34
CA VAL B 64 16.15 -25.57 -12.20
C VAL B 64 15.26 -25.46 -10.97
N PRO B 65 15.13 -26.53 -10.17
CA PRO B 65 14.38 -26.48 -8.92
C PRO B 65 14.89 -25.28 -8.11
N LEU B 66 13.96 -24.60 -7.46
CA LEU B 66 14.22 -23.40 -6.64
C LEU B 66 15.34 -23.70 -5.61
N SER B 67 15.33 -24.85 -4.95
CA SER B 67 16.31 -25.19 -3.90
C SER B 67 17.72 -25.35 -4.53
N GLU B 68 17.77 -25.81 -5.77
CA GLU B 68 19.04 -26.02 -6.50
C GLU B 68 19.58 -24.68 -7.03
N ARG B 69 18.72 -23.72 -7.34
CA ARG B 69 19.19 -22.37 -7.77
C ARG B 69 20.03 -21.80 -6.64
N ILE B 70 19.52 -21.97 -5.43
CA ILE B 70 20.21 -21.46 -4.20
C ILE B 70 21.45 -22.33 -3.93
N ALA B 71 21.32 -23.66 -3.94
CA ALA B 71 22.46 -24.54 -3.57
C ALA B 71 23.59 -24.32 -4.59
N MET B 72 23.29 -24.19 -5.87
CA MET B 72 24.35 -23.99 -6.91
C MET B 72 25.11 -22.69 -6.59
N ALA B 73 24.39 -21.63 -6.20
CA ALA B 73 25.02 -20.33 -5.94
C ALA B 73 25.97 -20.51 -4.75
N ARG B 74 25.53 -21.24 -3.71
CA ARG B 74 26.40 -21.46 -2.52
C ARG B 74 27.65 -22.25 -2.92
N ARG B 75 27.50 -23.27 -3.76
CA ARG B 75 28.63 -24.12 -4.24
C ARG B 75 29.63 -23.27 -5.03
N MET B 76 29.16 -22.25 -5.76
CA MET B 76 30.04 -21.36 -6.55
C MET B 76 30.71 -20.32 -5.66
N GLY B 77 30.36 -20.25 -4.37
CA GLY B 77 30.90 -19.25 -3.43
C GLY B 77 30.35 -17.85 -3.65
N ALA B 78 29.18 -17.69 -4.28
CA ALA B 78 28.63 -16.38 -4.63
C ALA B 78 28.47 -15.57 -3.36
N ARG B 79 28.75 -14.27 -3.45
CA ARG B 79 28.51 -13.29 -2.38
C ARG B 79 27.15 -12.62 -2.61
N LEU B 80 26.69 -12.47 -3.86
CA LEU B 80 25.40 -11.81 -4.21
C LEU B 80 24.60 -12.75 -5.11
N PHE B 81 23.27 -12.77 -4.94
CA PHE B 81 22.35 -13.58 -5.76
C PHE B 81 21.32 -12.63 -6.35
N ILE B 82 21.28 -12.55 -7.66
CA ILE B 82 20.39 -11.61 -8.36
C ILE B 82 19.48 -12.44 -9.27
N SER B 83 18.21 -12.53 -8.93
CA SER B 83 17.21 -13.23 -9.74
C SER B 83 16.63 -12.25 -10.78
N VAL B 84 16.54 -12.70 -12.01
CA VAL B 84 16.12 -11.88 -13.17
C VAL B 84 14.76 -12.38 -13.64
N HIS B 85 13.74 -11.52 -13.54
CA HIS B 85 12.36 -11.85 -13.92
C HIS B 85 11.80 -10.70 -14.73
N HIS B 86 10.66 -10.97 -15.35
CA HIS B 86 9.76 -9.95 -15.90
C HIS B 86 8.35 -10.24 -15.38
N ASP B 87 7.55 -9.19 -15.25
CA ASP B 87 6.26 -9.20 -14.52
C ASP B 87 5.13 -9.66 -15.47
N THR B 88 3.88 -9.68 -15.00
CA THR B 88 2.71 -10.01 -15.86
C THR B 88 2.66 -9.00 -17.01
N PRO B 89 2.10 -9.39 -18.17
CA PRO B 89 2.06 -8.49 -19.31
C PRO B 89 1.37 -7.12 -19.06
N THR B 90 0.50 -7.01 -18.06
CA THR B 90 -0.25 -5.76 -17.74
C THR B 90 0.52 -4.89 -16.73
N ALA B 91 1.64 -5.36 -16.15
CA ALA B 91 2.41 -4.54 -15.18
C ALA B 91 2.96 -3.30 -15.91
N SER B 92 3.08 -2.18 -15.22
CA SER B 92 3.60 -0.93 -15.83
C SER B 92 4.98 -0.57 -15.25
N ARG B 93 5.27 -0.93 -14.00
CA ARG B 93 6.43 -0.38 -13.25
C ARG B 93 7.45 -1.49 -12.96
N PRO B 94 8.76 -1.26 -13.17
CA PRO B 94 9.76 -2.23 -12.75
C PRO B 94 9.94 -2.16 -11.23
N GLY B 95 10.54 -3.21 -10.68
CA GLY B 95 10.84 -3.18 -9.24
C GLY B 95 11.72 -4.32 -8.78
N VAL B 96 11.97 -4.36 -7.48
CA VAL B 96 12.95 -5.29 -6.89
C VAL B 96 12.40 -5.81 -5.57
N TYR B 97 12.35 -7.12 -5.45
CA TYR B 97 12.13 -7.80 -4.16
C TYR B 97 13.49 -8.03 -3.52
N TYR B 98 13.53 -7.92 -2.19
CA TYR B 98 14.80 -8.14 -1.47
C TYR B 98 14.55 -9.11 -0.31
N SER B 99 15.56 -9.91 -0.04
CA SER B 99 15.49 -10.90 1.05
C SER B 99 15.76 -10.19 2.35
N PRO B 100 15.49 -10.84 3.51
CA PRO B 100 15.82 -10.26 4.80
C PRO B 100 17.31 -10.29 5.13
N HIS B 101 18.14 -10.90 4.30
CA HIS B 101 19.59 -10.98 4.59
C HIS B 101 20.18 -9.57 4.63
N PRO B 102 21.07 -9.23 5.57
CA PRO B 102 21.79 -7.95 5.53
C PRO B 102 22.40 -7.59 4.16
N GLY B 103 22.06 -6.41 3.66
CA GLY B 103 22.58 -5.86 2.41
C GLY B 103 21.60 -6.07 1.27
N SER B 104 20.59 -6.93 1.42
CA SER B 104 19.64 -7.20 0.28
C SER B 104 18.85 -5.94 -0.05
N GLU B 105 18.31 -5.28 0.96
CA GLU B 105 17.49 -4.09 0.74
C GLU B 105 18.32 -2.94 0.15
N GLU B 106 19.55 -2.76 0.65
CA GLU B 106 20.48 -1.74 0.14
C GLU B 106 20.75 -2.03 -1.36
N LEU B 107 20.96 -3.27 -1.71
CA LEU B 107 21.21 -3.64 -3.14
C LEU B 107 19.94 -3.36 -3.96
N ALA B 108 18.76 -3.76 -3.45
CA ALA B 108 17.47 -3.55 -4.13
C ALA B 108 17.26 -2.06 -4.39
N ARG B 109 17.50 -1.20 -3.41
CA ARG B 109 17.21 0.25 -3.56
C ARG B 109 18.18 0.89 -4.56
N THR B 110 19.44 0.47 -4.59
CA THR B 110 20.42 1.03 -5.52
C THR B 110 20.03 0.59 -6.93
N VAL B 111 19.55 -0.64 -7.10
CA VAL B 111 19.12 -1.11 -8.45
C VAL B 111 17.82 -0.39 -8.83
N ALA B 112 16.86 -0.30 -7.90
CA ALA B 112 15.56 0.37 -8.18
C ALA B 112 15.80 1.82 -8.61
N ALA B 113 16.73 2.53 -7.97
CA ALA B 113 17.04 3.93 -8.29
C ALA B 113 17.46 4.07 -9.76
N ALA B 114 17.93 3.00 -10.42
CA ALA B 114 18.39 3.04 -11.83
C ALA B 114 17.29 2.63 -12.79
N LEU B 115 16.13 2.16 -12.32
CA LEU B 115 15.08 1.58 -13.20
C LEU B 115 14.03 2.63 -13.59
N GLY B 116 14.19 3.89 -13.18
CA GLY B 116 13.36 5.01 -13.69
C GLY B 116 12.11 5.25 -12.87
N GLU B 117 11.24 6.12 -13.37
CA GLU B 117 10.04 6.63 -12.64
C GLU B 117 9.16 5.44 -12.19
N GLY B 118 8.68 5.46 -10.94
CA GLY B 118 7.66 4.49 -10.49
C GLY B 118 8.25 3.15 -10.09
N ALA B 119 9.58 2.97 -10.11
CA ALA B 119 10.22 1.72 -9.64
C ALA B 119 9.87 1.52 -8.17
N TRP B 120 9.61 0.28 -7.79
CA TRP B 120 9.27 -0.06 -6.38
C TRP B 120 10.28 -1.06 -5.81
N VAL B 121 10.34 -1.12 -4.49
CA VAL B 121 11.03 -2.20 -3.74
C VAL B 121 10.01 -2.77 -2.77
N ARG B 122 10.13 -4.07 -2.54
CA ARG B 122 9.30 -4.82 -1.57
C ARG B 122 10.16 -5.88 -0.92
N PRO B 123 9.94 -6.17 0.37
CA PRO B 123 10.55 -7.34 0.94
C PRO B 123 9.82 -8.56 0.39
N SER B 124 10.49 -9.70 0.39
CA SER B 124 9.93 -11.03 0.06
CA SER B 124 9.92 -11.01 0.03
C SER B 124 8.64 -11.31 0.84
N SER B 125 8.55 -10.87 2.10
CA SER B 125 7.33 -11.02 2.95
C SER B 125 6.08 -10.36 2.32
N ALA B 126 6.22 -9.37 1.45
CA ALA B 126 5.11 -8.70 0.74
C ALA B 126 4.71 -9.44 -0.52
N SER B 127 5.40 -10.52 -0.93
CA SER B 127 4.95 -11.37 -2.07
C SER B 127 3.70 -12.20 -1.69
N ARG B 128 3.07 -12.84 -2.66
CA ARG B 128 1.80 -13.60 -2.50
C ARG B 128 1.82 -14.52 -1.26
N PHE B 129 2.88 -15.32 -1.05
CA PHE B 129 2.89 -16.33 0.04
C PHE B 129 3.77 -15.86 1.20
N GLY B 130 4.29 -14.62 1.16
CA GLY B 130 5.02 -14.05 2.30
C GLY B 130 6.45 -14.56 2.34
N ARG B 131 6.96 -15.09 1.24
CA ARG B 131 8.32 -15.68 1.17
C ARG B 131 8.72 -15.83 -0.29
N LEU B 132 10.01 -15.69 -0.58
CA LEU B 132 10.57 -16.03 -1.90
C LEU B 132 11.82 -16.89 -1.70
N TYR B 133 12.16 -17.64 -2.73
CA TYR B 133 13.28 -18.60 -2.69
C TYR B 133 14.60 -17.89 -2.44
N ILE B 134 14.70 -16.62 -2.80
CA ILE B 134 15.94 -15.81 -2.61
C ILE B 134 16.24 -15.70 -1.11
N ASP B 135 15.24 -15.87 -0.25
CA ASP B 135 15.40 -15.76 1.23
C ASP B 135 16.27 -16.89 1.80
N ASP B 136 16.52 -17.95 1.03
CA ASP B 136 17.39 -19.08 1.46
C ASP B 136 18.87 -18.78 1.14
N PHE B 137 19.19 -17.73 0.37
CA PHE B 137 20.59 -17.39 0.03
C PHE B 137 21.27 -16.67 1.20
N PRO B 138 22.38 -17.21 1.74
CA PRO B 138 23.10 -16.57 2.84
C PRO B 138 23.95 -15.39 2.36
N GLY B 139 23.33 -14.33 1.87
CA GLY B 139 24.03 -13.16 1.34
C GLY B 139 23.01 -12.21 0.74
N PRO B 140 23.42 -11.00 0.33
CA PRO B 140 22.52 -10.07 -0.33
C PRO B 140 21.88 -10.78 -1.53
N ALA B 141 20.56 -10.76 -1.57
CA ALA B 141 19.77 -11.50 -2.57
C ALA B 141 18.57 -10.65 -2.92
N ILE B 142 18.37 -10.48 -4.22
CA ILE B 142 17.26 -9.68 -4.77
C ILE B 142 16.64 -10.43 -5.94
N LEU B 143 15.41 -10.04 -6.25
CA LEU B 143 14.66 -10.53 -7.44
C LEU B 143 14.17 -9.26 -8.15
N VAL B 144 14.66 -9.07 -9.36
CA VAL B 144 14.38 -7.85 -10.15
C VAL B 144 13.28 -8.20 -11.13
N GLU B 145 12.21 -7.43 -11.13
CA GLU B 145 11.17 -7.45 -12.18
C GLU B 145 11.47 -6.30 -13.14
N PHE B 146 11.99 -6.62 -14.32
CA PHE B 146 12.35 -5.64 -15.35
C PHE B 146 11.08 -5.24 -16.11
N GLY B 147 9.99 -5.00 -15.41
CA GLY B 147 8.76 -4.54 -16.07
C GLY B 147 8.01 -5.69 -16.71
N PRO B 148 7.00 -5.40 -17.58
CA PRO B 148 6.11 -6.43 -18.09
C PRO B 148 6.80 -7.39 -19.07
N THR B 149 6.37 -8.63 -19.05
CA THR B 149 6.68 -9.62 -20.09
C THR B 149 6.04 -9.08 -21.38
N ARG B 150 6.89 -8.73 -22.33
CA ARG B 150 6.52 -8.30 -23.70
C ARG B 150 7.77 -8.52 -24.54
N PRO B 151 7.68 -8.40 -25.88
CA PRO B 151 8.87 -8.44 -26.73
C PRO B 151 9.88 -7.35 -26.31
N ILE B 152 11.13 -7.74 -26.07
CA ILE B 152 12.21 -6.80 -25.66
C ILE B 152 13.31 -6.92 -26.70
N SER B 153 13.75 -5.80 -27.23
CA SER B 153 14.84 -5.74 -28.24
C SER B 153 16.21 -5.85 -27.55
N ARG B 154 17.24 -6.15 -28.33
CA ARG B 154 18.64 -6.13 -27.85
C ARG B 154 18.98 -4.77 -27.25
N ALA B 155 18.59 -3.68 -27.91
CA ALA B 155 18.89 -2.31 -27.43
C ALA B 155 18.26 -2.09 -26.05
N GLU B 156 17.05 -2.55 -25.81
CA GLU B 156 16.37 -2.41 -24.48
C GLU B 156 17.09 -3.24 -23.41
N ARG B 157 17.50 -4.49 -23.74
CA ARG B 157 18.26 -5.34 -22.78
CA ARG B 157 18.33 -5.40 -22.89
C ARG B 157 19.62 -4.70 -22.46
N ILE B 158 20.29 -4.11 -23.44
CA ILE B 158 21.56 -3.38 -23.21
C ILE B 158 21.31 -2.18 -22.30
N ALA B 159 20.30 -1.36 -22.57
CA ALA B 159 20.00 -0.15 -21.76
C ALA B 159 19.74 -0.59 -20.31
N ARG B 160 18.98 -1.66 -20.13
CA ARG B 160 18.65 -2.19 -18.79
C ARG B 160 19.92 -2.71 -18.10
N ALA B 161 20.75 -3.48 -18.79
CA ALA B 161 22.01 -4.04 -18.22
C ALA B 161 22.92 -2.89 -17.82
N GLN B 162 23.03 -1.87 -18.68
CA GLN B 162 23.88 -0.67 -18.49
C GLN B 162 23.40 0.09 -17.24
N ALA B 163 22.10 0.25 -17.09
CA ALA B 163 21.49 1.00 -15.97
C ALA B 163 21.82 0.31 -14.63
N VAL B 164 21.69 -1.00 -14.56
CA VAL B 164 21.75 -1.71 -13.23
C VAL B 164 23.17 -2.22 -12.93
N ALA B 165 24.03 -2.45 -13.91
CA ALA B 165 25.37 -3.06 -13.69
C ALA B 165 26.21 -2.16 -12.78
N SER B 166 26.27 -0.86 -13.06
CA SER B 166 27.08 0.10 -12.26
C SER B 166 26.64 0.11 -10.79
N PRO B 167 25.34 0.31 -10.49
CA PRO B 167 24.86 0.24 -9.12
C PRO B 167 25.20 -1.09 -8.47
N ILE B 168 25.11 -2.20 -9.20
CA ILE B 168 25.39 -3.54 -8.60
C ILE B 168 26.87 -3.61 -8.21
N ALA B 169 27.72 -3.15 -9.12
CA ALA B 169 29.20 -3.21 -8.99
C ALA B 169 29.62 -2.34 -7.81
N GLU B 170 29.01 -1.15 -7.72
CA GLU B 170 29.30 -0.18 -6.64
C GLU B 170 28.85 -0.77 -5.30
N PHE B 171 27.66 -1.38 -5.24
CA PHE B 171 27.22 -2.13 -4.02
C PHE B 171 28.29 -3.20 -3.66
N ALA B 172 28.67 -4.02 -4.63
CA ALA B 172 29.58 -5.16 -4.42
C ALA B 172 30.91 -4.63 -3.84
N ARG B 173 31.42 -3.55 -4.42
CA ARG B 173 32.68 -2.89 -4.00
C ARG B 173 32.59 -2.39 -2.55
N ARG B 174 31.47 -1.82 -2.13
CA ARG B 174 31.34 -1.12 -0.83
C ARG B 174 30.94 -2.14 0.24
N TRP B 175 30.30 -3.25 -0.14
CA TRP B 175 29.68 -4.18 0.82
C TRP B 175 30.67 -5.29 1.20
N ALA C 9 2.41 -45.54 -0.70
CA ALA C 9 3.63 -46.01 -1.34
C ALA C 9 4.03 -45.12 -2.51
N TYR C 10 3.14 -44.40 -3.20
CA TYR C 10 3.61 -43.26 -4.04
C TYR C 10 3.64 -41.99 -3.20
N ILE C 11 2.56 -41.75 -2.47
CA ILE C 11 2.41 -40.55 -1.61
C ILE C 11 2.19 -41.09 -0.22
N VAL C 12 2.89 -40.57 0.76
CA VAL C 12 2.62 -40.88 2.18
C VAL C 12 2.02 -39.65 2.84
N LEU C 13 0.90 -39.85 3.52
CA LEU C 13 0.22 -38.81 4.31
C LEU C 13 0.56 -39.09 5.76
N ASP C 14 0.95 -38.04 6.48
CA ASP C 14 1.41 -38.15 7.88
C ASP C 14 0.52 -37.29 8.76
N PRO C 15 -0.53 -37.87 9.39
CA PRO C 15 -1.38 -37.14 10.31
C PRO C 15 -0.57 -36.80 11.56
N GLY C 16 -0.28 -35.51 11.76
CA GLY C 16 0.50 -35.00 12.88
C GLY C 16 -0.02 -35.52 14.20
N HIS C 17 0.89 -35.70 15.13
CA HIS C 17 0.61 -36.09 16.54
C HIS C 17 -0.09 -37.45 16.55
N GLY C 18 -0.92 -37.69 17.56
CA GLY C 18 -1.67 -38.94 17.73
C GLY C 18 -1.44 -39.54 19.10
N GLY C 19 -2.37 -40.36 19.59
CA GLY C 19 -2.23 -41.06 20.89
C GLY C 19 -2.08 -40.07 22.02
N GLN C 20 -1.02 -40.17 22.82
CA GLN C 20 -0.78 -39.31 24.02
C GLN C 20 -0.50 -37.87 23.58
N ASP C 21 -0.23 -37.65 22.28
CA ASP C 21 0.11 -36.30 21.74
C ASP C 21 -1.12 -35.76 21.00
N PRO C 22 -1.83 -34.77 21.58
CA PRO C 22 -3.05 -34.26 20.98
C PRO C 22 -2.79 -33.18 19.90
N GLY C 23 -1.54 -32.70 19.82
CA GLY C 23 -1.23 -31.43 19.12
C GLY C 23 -1.97 -30.29 19.78
N ALA C 24 -2.42 -29.29 19.03
CA ALA C 24 -3.26 -28.19 19.56
C ALA C 24 -4.61 -28.74 20.06
N VAL C 25 -5.16 -28.13 21.10
CA VAL C 25 -6.50 -28.45 21.68
C VAL C 25 -7.36 -27.16 21.64
N ALA C 26 -8.49 -27.18 20.91
CA ALA C 26 -9.46 -26.05 20.88
C ALA C 26 -10.18 -25.97 22.23
N PRO C 27 -10.79 -24.82 22.58
CA PRO C 27 -11.38 -24.65 23.90
C PRO C 27 -12.49 -25.69 24.16
N ASP C 28 -13.38 -25.88 23.18
CA ASP C 28 -14.40 -26.96 23.14
C ASP C 28 -13.79 -28.39 23.26
N GLY C 29 -12.46 -28.56 23.31
CA GLY C 29 -11.76 -29.84 23.58
C GLY C 29 -11.32 -30.61 22.33
N THR C 30 -11.70 -30.18 21.13
CA THR C 30 -11.27 -30.76 19.82
C THR C 30 -9.74 -30.90 19.77
N ARG C 31 -9.24 -32.10 19.47
CA ARG C 31 -7.78 -32.39 19.34
C ARG C 31 -7.33 -32.26 17.87
N GLU C 32 -6.22 -31.55 17.66
CA GLU C 32 -5.55 -31.40 16.34
C GLU C 32 -5.29 -32.80 15.77
N ALA C 33 -4.82 -33.73 16.61
CA ALA C 33 -4.51 -35.13 16.22
C ALA C 33 -5.70 -35.77 15.50
N ASP C 34 -6.92 -35.55 16.01
CA ASP C 34 -8.16 -36.13 15.42
C ASP C 34 -8.50 -35.40 14.13
N LEU C 35 -8.39 -34.07 14.11
CA LEU C 35 -8.59 -33.29 12.85
C LEU C 35 -7.60 -33.76 11.78
N ASN C 36 -6.35 -34.05 12.18
CA ASN C 36 -5.29 -34.44 11.22
C ASN C 36 -5.64 -35.78 10.58
N LEU C 37 -6.01 -36.77 11.42
CA LEU C 37 -6.32 -38.13 10.93
C LEU C 37 -7.51 -38.03 9.98
N ALA C 38 -8.57 -37.33 10.41
CA ALA C 38 -9.79 -37.14 9.58
C ALA C 38 -9.48 -36.45 8.25
N GLN C 39 -8.70 -35.35 8.27
CA GLN C 39 -8.37 -34.67 7.00
C GLN C 39 -7.57 -35.57 6.06
N ALA C 40 -6.57 -36.25 6.63
CA ALA C 40 -5.70 -37.18 5.87
C ALA C 40 -6.54 -38.28 5.23
N LEU C 41 -7.48 -38.88 5.99
CA LEU C 41 -8.32 -40.00 5.46
C LEU C 41 -9.13 -39.46 4.30
N THR C 42 -9.67 -38.25 4.40
CA THR C 42 -10.47 -37.67 3.29
C THR C 42 -9.56 -37.39 2.08
N LEU C 43 -8.39 -36.79 2.29
CA LEU C 43 -7.46 -36.47 1.16
C LEU C 43 -7.06 -37.77 0.43
N LYS C 44 -6.80 -38.84 1.19
CA LYS C 44 -6.41 -40.16 0.60
C LYS C 44 -7.42 -40.59 -0.47
N GLU C 45 -8.72 -40.47 -0.17
CA GLU C 45 -9.80 -40.86 -1.13
C GLU C 45 -9.60 -40.11 -2.44
N TYR C 46 -9.31 -38.80 -2.37
CA TYR C 46 -9.18 -38.01 -3.62
C TYR C 46 -7.92 -38.44 -4.37
N LEU C 47 -6.82 -38.61 -3.66
CA LEU C 47 -5.53 -38.95 -4.34
C LEU C 47 -5.60 -40.37 -4.94
N VAL C 48 -6.18 -41.32 -4.18
CA VAL C 48 -6.39 -42.70 -4.70
C VAL C 48 -7.26 -42.58 -5.98
N ALA C 49 -8.33 -41.77 -5.96
CA ALA C 49 -9.20 -41.62 -7.16
C ALA C 49 -8.39 -41.08 -8.35
N LEU C 50 -7.34 -40.28 -8.09
CA LEU C 50 -6.56 -39.58 -9.14
C LEU C 50 -5.42 -40.49 -9.60
N GLY C 51 -5.31 -41.70 -9.06
CA GLY C 51 -4.36 -42.71 -9.57
C GLY C 51 -3.19 -42.98 -8.65
N TYR C 52 -3.13 -42.38 -7.44
CA TYR C 52 -1.90 -42.40 -6.60
C TYR C 52 -2.07 -43.41 -5.48
N ARG C 53 -1.11 -44.33 -5.31
CA ARG C 53 -1.14 -45.21 -4.11
C ARG C 53 -0.73 -44.32 -2.94
N VAL C 54 -1.52 -44.38 -1.86
CA VAL C 54 -1.37 -43.53 -0.66
C VAL C 54 -1.10 -44.46 0.51
N GLY C 55 -0.02 -44.20 1.24
CA GLY C 55 0.23 -44.84 2.53
C GLY C 55 0.11 -43.83 3.64
N PHE C 56 -0.02 -44.32 4.86
CA PHE C 56 -0.22 -43.47 6.05
C PHE C 56 0.84 -43.86 7.06
N THR C 57 1.25 -42.90 7.88
CA THR C 57 2.16 -43.13 9.02
C THR C 57 1.32 -43.72 10.14
N ARG C 58 0.03 -43.37 10.17
CA ARG C 58 -0.96 -43.96 11.13
C ARG C 58 -2.38 -43.82 10.56
N THR C 59 -3.27 -44.78 10.86
CA THR C 59 -4.70 -44.74 10.48
C THR C 59 -5.56 -44.82 11.73
N SER C 60 -4.97 -44.60 12.90
CA SER C 60 -5.68 -44.64 14.20
C SER C 60 -5.04 -43.67 15.17
N ASP C 61 -5.61 -43.57 16.37
CA ASP C 61 -5.21 -42.62 17.43
C ASP C 61 -4.02 -43.23 18.19
N VAL C 62 -2.87 -43.37 17.53
CA VAL C 62 -1.59 -43.85 18.12
C VAL C 62 -0.53 -42.78 17.86
N TYR C 63 0.43 -42.59 18.78
CA TYR C 63 1.63 -41.74 18.53
C TYR C 63 2.64 -42.55 17.73
N VAL C 64 3.18 -41.94 16.67
CA VAL C 64 4.27 -42.56 15.88
C VAL C 64 5.50 -41.67 16.05
N PRO C 65 6.67 -42.20 16.48
CA PRO C 65 7.88 -41.40 16.63
C PRO C 65 8.20 -40.69 15.32
N LEU C 66 8.66 -39.44 15.42
CA LEU C 66 9.00 -38.62 14.21
C LEU C 66 9.98 -39.39 13.30
N SER C 67 11.00 -40.07 13.83
CA SER C 67 12.01 -40.75 12.99
C SER C 67 11.32 -41.92 12.26
N GLU C 68 10.34 -42.55 12.90
CA GLU C 68 9.63 -43.72 12.33
C GLU C 68 8.67 -43.26 11.22
N ARG C 69 8.10 -42.05 11.36
CA ARG C 69 7.23 -41.46 10.29
C ARG C 69 8.00 -41.36 9.00
N ILE C 70 9.26 -40.87 9.07
CA ILE C 70 10.17 -40.78 7.90
C ILE C 70 10.60 -42.19 7.49
N ALA C 71 11.08 -43.00 8.44
CA ALA C 71 11.57 -44.36 8.13
C ALA C 71 10.46 -45.10 7.38
N MET C 72 9.21 -45.03 7.83
CA MET C 72 8.08 -45.82 7.25
C MET C 72 7.88 -45.39 5.81
N ALA C 73 7.93 -44.08 5.57
CA ALA C 73 7.70 -43.52 4.21
C ALA C 73 8.80 -44.04 3.29
N ARG C 74 10.04 -44.09 3.78
CA ARG C 74 11.16 -44.61 2.94
C ARG C 74 10.95 -46.10 2.64
N ARG C 75 10.56 -46.88 3.65
CA ARG C 75 10.30 -48.34 3.48
C ARG C 75 9.16 -48.55 2.51
N MET C 76 8.16 -47.66 2.46
CA MET C 76 7.03 -47.81 1.49
C MET C 76 7.43 -47.36 0.09
N GLY C 77 8.62 -46.80 -0.10
CA GLY C 77 9.07 -46.29 -1.41
C GLY C 77 8.35 -45.00 -1.82
N ALA C 78 7.88 -44.17 -0.88
CA ALA C 78 7.12 -42.93 -1.21
C ALA C 78 8.00 -41.98 -2.03
N ARG C 79 7.42 -41.28 -3.01
CA ARG C 79 8.13 -40.22 -3.76
C ARG C 79 7.88 -38.84 -3.09
N LEU C 80 6.78 -38.70 -2.34
CA LEU C 80 6.26 -37.45 -1.74
C LEU C 80 5.86 -37.76 -0.31
N PHE C 81 6.16 -36.86 0.62
CA PHE C 81 5.78 -36.94 2.04
C PHE C 81 4.99 -35.68 2.38
N ILE C 82 3.72 -35.88 2.74
CA ILE C 82 2.80 -34.76 3.06
C ILE C 82 2.32 -34.95 4.48
N SER C 83 2.83 -34.08 5.35
CA SER C 83 2.40 -34.02 6.76
C SER C 83 1.15 -33.14 6.84
N VAL C 84 0.19 -33.56 7.66
CA VAL C 84 -1.14 -32.93 7.78
C VAL C 84 -1.30 -32.44 9.21
N HIS C 85 -1.37 -31.13 9.37
CA HIS C 85 -1.47 -30.46 10.69
C HIS C 85 -2.61 -29.46 10.67
N HIS C 86 -3.00 -29.01 11.87
CA HIS C 86 -3.83 -27.79 12.05
C HIS C 86 -3.13 -26.91 13.09
N ASP C 87 -3.34 -25.60 12.96
CA ASP C 87 -2.53 -24.60 13.71
C ASP C 87 -3.14 -24.42 15.11
N THR C 88 -2.52 -23.62 15.94
CA THR C 88 -3.05 -23.21 17.27
C THR C 88 -4.47 -22.69 17.07
N PRO C 89 -5.38 -22.76 18.08
CA PRO C 89 -6.75 -22.31 17.88
C PRO C 89 -6.86 -20.84 17.48
N THR C 90 -5.82 -20.06 17.75
CA THR C 90 -5.79 -18.59 17.50
C THR C 90 -5.44 -18.28 16.03
N ALA C 91 -4.78 -19.19 15.29
CA ALA C 91 -4.25 -18.95 13.92
C ALA C 91 -5.38 -18.52 12.99
N SER C 92 -5.05 -17.73 11.99
CA SER C 92 -6.01 -17.20 11.00
C SER C 92 -5.82 -17.93 9.67
N ARG C 93 -4.59 -18.06 9.19
CA ARG C 93 -4.35 -18.34 7.75
C ARG C 93 -3.75 -19.74 7.63
N PRO C 94 -4.17 -20.51 6.62
CA PRO C 94 -3.53 -21.79 6.34
C PRO C 94 -2.16 -21.54 5.67
N GLY C 95 -1.28 -22.52 5.74
CA GLY C 95 0.09 -22.41 5.19
C GLY C 95 0.79 -23.74 5.02
N VAL C 96 1.94 -23.70 4.37
CA VAL C 96 2.72 -24.92 4.02
C VAL C 96 4.19 -24.68 4.33
N TYR C 97 4.77 -25.50 5.19
CA TYR C 97 6.22 -25.62 5.37
C TYR C 97 6.77 -26.57 4.32
N TYR C 98 7.91 -26.24 3.75
CA TYR C 98 8.59 -27.09 2.75
C TYR C 98 10.02 -27.36 3.23
N SER C 99 10.48 -28.59 2.97
CA SER C 99 11.86 -29.04 3.23
C SER C 99 12.77 -28.38 2.21
N PRO C 100 14.10 -28.46 2.41
CA PRO C 100 15.04 -27.96 1.41
C PRO C 100 15.22 -28.88 0.21
N HIS C 101 14.56 -30.04 0.15
CA HIS C 101 14.74 -31.00 -0.96
C HIS C 101 14.25 -30.33 -2.25
N PRO C 102 14.92 -30.55 -3.40
CA PRO C 102 14.38 -30.09 -4.67
C PRO C 102 12.91 -30.52 -4.86
N GLY C 103 12.07 -29.56 -5.23
CA GLY C 103 10.65 -29.77 -5.52
C GLY C 103 9.76 -29.47 -4.35
N SER C 104 10.28 -29.50 -3.12
CA SER C 104 9.44 -29.27 -1.93
C SER C 104 8.79 -27.89 -2.03
N GLU C 105 9.57 -26.86 -2.40
CA GLU C 105 9.04 -25.48 -2.43
C GLU C 105 7.98 -25.38 -3.53
N GLU C 106 8.22 -25.95 -4.70
CA GLU C 106 7.23 -25.90 -5.81
C GLU C 106 5.93 -26.59 -5.38
N LEU C 107 6.04 -27.69 -4.66
CA LEU C 107 4.86 -28.45 -4.18
C LEU C 107 4.13 -27.54 -3.19
N ALA C 108 4.85 -26.98 -2.21
CA ALA C 108 4.27 -26.10 -1.18
C ALA C 108 3.50 -24.94 -1.83
N ARG C 109 4.04 -24.32 -2.87
CA ARG C 109 3.44 -23.13 -3.50
C ARG C 109 2.16 -23.55 -4.22
N THR C 110 2.16 -24.63 -5.00
CA THR C 110 0.94 -25.06 -5.74
CA THR C 110 0.93 -25.05 -5.73
C THR C 110 -0.15 -25.46 -4.72
N VAL C 111 0.23 -26.06 -3.60
CA VAL C 111 -0.77 -26.39 -2.53
C VAL C 111 -1.28 -25.10 -1.89
N ALA C 112 -0.38 -24.16 -1.55
CA ALA C 112 -0.76 -22.90 -0.87
C ALA C 112 -1.67 -22.06 -1.80
N ALA C 113 -1.46 -22.10 -3.11
CA ALA C 113 -2.31 -21.42 -4.11
C ALA C 113 -3.76 -21.92 -4.05
N ALA C 114 -4.03 -23.15 -3.59
CA ALA C 114 -5.40 -23.71 -3.56
C ALA C 114 -6.05 -23.49 -2.19
N LEU C 115 -5.30 -23.01 -1.20
CA LEU C 115 -5.75 -22.87 0.19
C LEU C 115 -6.37 -21.48 0.44
N GLY C 116 -6.47 -20.63 -0.58
CA GLY C 116 -7.25 -19.37 -0.51
C GLY C 116 -6.46 -18.16 0.00
N GLU C 117 -7.18 -17.12 0.42
CA GLU C 117 -6.62 -15.77 0.70
C GLU C 117 -5.76 -15.87 1.95
N GLY C 118 -4.61 -15.22 1.92
CA GLY C 118 -3.71 -15.14 3.09
C GLY C 118 -2.85 -16.39 3.29
N ALA C 119 -2.95 -17.41 2.43
CA ALA C 119 -2.15 -18.66 2.56
C ALA C 119 -0.67 -18.28 2.52
N TRP C 120 0.13 -18.86 3.37
CA TRP C 120 1.59 -18.62 3.41
C TRP C 120 2.40 -19.88 3.08
N VAL C 121 3.66 -19.69 2.68
CA VAL C 121 4.65 -20.80 2.66
C VAL C 121 5.88 -20.38 3.46
N ARG C 122 6.54 -21.33 4.08
CA ARG C 122 7.77 -21.07 4.86
C ARG C 122 8.69 -22.26 4.67
N PRO C 123 10.02 -22.04 4.57
CA PRO C 123 10.97 -23.15 4.70
C PRO C 123 10.94 -23.69 6.14
N SER C 124 11.28 -24.97 6.33
CA SER C 124 11.49 -25.60 7.67
C SER C 124 12.41 -24.74 8.56
N SER C 125 13.41 -24.08 7.95
CA SER C 125 14.42 -23.24 8.65
C SER C 125 13.73 -22.07 9.35
N ALA C 126 12.51 -21.68 8.92
CA ALA C 126 11.75 -20.55 9.49
C ALA C 126 10.87 -20.98 10.65
N SER C 127 10.76 -22.29 10.93
CA SER C 127 10.00 -22.85 12.08
C SER C 127 10.70 -22.51 13.41
N ARG C 128 10.01 -22.70 14.52
CA ARG C 128 10.48 -22.33 15.87
C ARG C 128 11.94 -22.73 16.09
N PHE C 129 12.32 -24.00 15.86
CA PHE C 129 13.71 -24.47 16.15
C PHE C 129 14.56 -24.58 14.87
N GLY C 130 14.05 -24.09 13.74
CA GLY C 130 14.90 -23.95 12.55
C GLY C 130 15.06 -25.24 11.78
N ARG C 131 14.22 -26.22 12.06
CA ARG C 131 14.22 -27.55 11.41
C ARG C 131 12.85 -28.18 11.63
N LEU C 132 12.44 -29.03 10.69
CA LEU C 132 11.26 -29.90 10.87
C LEU C 132 11.65 -31.31 10.46
N TYR C 133 10.96 -32.30 11.05
CA TYR C 133 11.19 -33.73 10.76
C TYR C 133 11.06 -34.00 9.26
N ILE C 134 10.22 -33.26 8.56
CA ILE C 134 10.04 -33.50 7.09
C ILE C 134 11.37 -33.33 6.37
N ASP C 135 12.33 -32.62 6.99
CA ASP C 135 13.68 -32.37 6.40
C ASP C 135 14.48 -33.67 6.24
N ASP C 136 14.12 -34.73 6.96
CA ASP C 136 14.82 -36.03 6.88
C ASP C 136 14.33 -36.85 5.71
N PHE C 137 13.25 -36.44 5.02
CA PHE C 137 12.69 -37.25 3.92
C PHE C 137 13.47 -37.00 2.64
N PRO C 138 14.04 -38.03 1.98
CA PRO C 138 14.81 -37.81 0.77
C PRO C 138 13.89 -37.68 -0.43
N GLY C 139 13.06 -36.65 -0.45
CA GLY C 139 12.22 -36.33 -1.62
C GLY C 139 11.38 -35.11 -1.31
N PRO C 140 10.53 -34.65 -2.24
CA PRO C 140 9.65 -33.52 -1.94
C PRO C 140 8.85 -33.78 -0.66
N ALA C 141 8.88 -32.84 0.26
CA ALA C 141 8.22 -33.02 1.57
C ALA C 141 7.69 -31.69 2.08
N ILE C 142 6.43 -31.70 2.52
CA ILE C 142 5.73 -30.48 2.99
C ILE C 142 4.98 -30.83 4.26
N LEU C 143 4.66 -29.81 5.03
CA LEU C 143 3.82 -29.88 6.24
C LEU C 143 2.75 -28.80 6.05
N VAL C 144 1.52 -29.26 5.85
CA VAL C 144 0.34 -28.40 5.62
C VAL C 144 -0.31 -28.08 6.95
N GLU C 145 -0.41 -26.77 7.26
CA GLU C 145 -1.27 -26.23 8.33
C GLU C 145 -2.61 -25.85 7.72
N PHE C 146 -3.64 -26.67 7.90
CA PHE C 146 -4.98 -26.41 7.34
C PHE C 146 -5.76 -25.41 8.23
N GLY C 147 -5.13 -24.36 8.72
CA GLY C 147 -5.84 -23.33 9.49
C GLY C 147 -5.96 -23.76 10.94
N PRO C 148 -6.68 -22.99 11.79
CA PRO C 148 -6.73 -23.26 13.21
C PRO C 148 -7.35 -24.62 13.60
N THR C 149 -6.93 -25.11 14.76
CA THR C 149 -7.52 -26.28 15.45
C THR C 149 -8.87 -25.81 16.02
N ARG C 150 -9.95 -26.28 15.43
CA ARG C 150 -11.34 -26.03 15.89
C ARG C 150 -12.23 -27.14 15.31
N PRO C 151 -13.51 -27.24 15.73
CA PRO C 151 -14.43 -28.20 15.11
C PRO C 151 -14.48 -27.90 13.62
N ILE C 152 -14.27 -28.93 12.79
CA ILE C 152 -14.33 -28.84 11.29
C ILE C 152 -15.46 -29.73 10.82
N SER C 153 -16.34 -29.18 9.98
CA SER C 153 -17.47 -29.89 9.38
C SER C 153 -16.96 -30.83 8.29
N ARG C 154 -17.72 -31.89 8.00
CA ARG C 154 -17.40 -32.84 6.90
C ARG C 154 -17.24 -32.04 5.61
N ALA C 155 -18.10 -31.06 5.34
CA ALA C 155 -18.10 -30.27 4.10
C ALA C 155 -16.75 -29.51 3.96
N GLU C 156 -16.24 -28.98 5.08
CA GLU C 156 -14.97 -28.21 5.14
C GLU C 156 -13.80 -29.16 4.82
N ARG C 157 -13.77 -30.31 5.48
CA ARG C 157 -12.78 -31.39 5.30
C ARG C 157 -12.76 -31.79 3.82
N ILE C 158 -13.93 -31.93 3.20
CA ILE C 158 -14.04 -32.32 1.76
C ILE C 158 -13.49 -31.20 0.88
N ALA C 159 -13.89 -29.96 1.15
CA ALA C 159 -13.47 -28.79 0.34
C ALA C 159 -11.93 -28.65 0.42
N ARG C 160 -11.35 -28.81 1.60
CA ARG C 160 -9.87 -28.76 1.80
C ARG C 160 -9.21 -29.88 1.00
N ALA C 161 -9.77 -31.10 1.07
CA ALA C 161 -9.23 -32.29 0.37
C ALA C 161 -9.29 -32.07 -1.13
N GLN C 162 -10.45 -31.68 -1.66
CA GLN C 162 -10.60 -31.40 -3.11
C GLN C 162 -9.66 -30.26 -3.53
N ALA C 163 -9.55 -29.19 -2.74
CA ALA C 163 -8.64 -28.05 -3.06
C ALA C 163 -7.19 -28.54 -3.25
N VAL C 164 -6.65 -29.36 -2.35
CA VAL C 164 -5.19 -29.71 -2.38
C VAL C 164 -4.89 -30.93 -3.27
N ALA C 165 -5.87 -31.80 -3.53
CA ALA C 165 -5.61 -33.09 -4.21
C ALA C 165 -5.14 -32.83 -5.64
N SER C 166 -5.77 -31.93 -6.39
CA SER C 166 -5.42 -31.70 -7.82
C SER C 166 -3.99 -31.14 -7.96
N PRO C 167 -3.63 -30.04 -7.26
CA PRO C 167 -2.25 -29.58 -7.23
C PRO C 167 -1.20 -30.62 -6.82
N ILE C 168 -1.45 -31.41 -5.77
CA ILE C 168 -0.56 -32.53 -5.36
C ILE C 168 -0.40 -33.51 -6.54
N ALA C 169 -1.51 -33.92 -7.15
CA ALA C 169 -1.50 -34.86 -8.31
C ALA C 169 -0.71 -34.26 -9.48
N GLU C 170 -0.94 -33.00 -9.81
CA GLU C 170 -0.27 -32.33 -10.97
C GLU C 170 1.23 -32.18 -10.66
N PHE C 171 1.57 -31.86 -9.42
CA PHE C 171 3.00 -31.86 -9.01
C PHE C 171 3.62 -33.27 -9.21
N ALA C 172 2.97 -34.31 -8.68
CA ALA C 172 3.49 -35.70 -8.73
C ALA C 172 3.75 -36.15 -10.16
N ARG C 173 2.85 -35.87 -11.08
CA ARG C 173 3.01 -36.30 -12.49
C ARG C 173 4.18 -35.55 -13.15
N ARG C 174 4.39 -34.28 -12.88
CA ARG C 174 5.48 -33.51 -13.53
C ARG C 174 6.84 -33.76 -12.88
N TRP C 175 6.95 -34.09 -11.58
CA TRP C 175 8.25 -34.17 -10.87
C TRP C 175 8.75 -35.58 -10.52
N THR C 176 7.89 -36.61 -10.52
CA THR C 176 8.10 -37.86 -9.73
C THR C 176 8.13 -39.06 -10.67
N SER D 8 -18.20 -10.43 4.79
CA SER D 8 -18.19 -9.79 3.43
C SER D 8 -19.30 -8.72 3.37
N ALA D 9 -19.01 -7.56 2.75
CA ALA D 9 -19.87 -6.35 2.80
C ALA D 9 -19.58 -5.45 1.59
N TYR D 10 -20.57 -4.66 1.17
CA TYR D 10 -20.42 -3.68 0.08
C TYR D 10 -19.85 -2.36 0.63
N ILE D 11 -20.45 -1.92 1.73
CA ILE D 11 -20.12 -0.64 2.41
C ILE D 11 -19.54 -1.00 3.77
N VAL D 12 -18.42 -0.40 4.14
CA VAL D 12 -17.92 -0.52 5.54
C VAL D 12 -18.06 0.84 6.23
N LEU D 13 -18.66 0.83 7.40
CA LEU D 13 -18.75 2.00 8.28
C LEU D 13 -17.70 1.85 9.35
N ASP D 14 -16.94 2.91 9.58
CA ASP D 14 -15.81 2.88 10.52
C ASP D 14 -16.10 3.90 11.60
N PRO D 15 -16.67 3.49 12.75
CA PRO D 15 -16.84 4.40 13.86
C PRO D 15 -15.49 4.80 14.48
N GLY D 16 -15.13 6.07 14.41
CA GLY D 16 -13.80 6.57 14.82
C GLY D 16 -13.57 6.32 16.28
N HIS D 17 -12.31 6.07 16.62
CA HIS D 17 -11.86 5.91 18.03
C HIS D 17 -12.47 4.65 18.62
N GLY D 18 -12.64 4.61 19.93
CA GLY D 18 -13.16 3.44 20.66
C GLY D 18 -12.26 3.00 21.80
N GLY D 19 -12.83 2.31 22.78
CA GLY D 19 -12.10 1.82 23.97
C GLY D 19 -11.40 2.96 24.67
N GLN D 20 -10.09 2.88 24.88
CA GLN D 20 -9.29 3.86 25.64
C GLN D 20 -9.11 5.15 24.83
N ASP D 21 -9.44 5.16 23.53
CA ASP D 21 -9.42 6.39 22.70
C ASP D 21 -10.83 6.97 22.66
N PRO D 22 -11.09 8.02 23.48
CA PRO D 22 -12.42 8.61 23.50
C PRO D 22 -12.73 9.47 22.28
N GLY D 23 -11.70 9.86 21.50
CA GLY D 23 -11.77 10.96 20.53
C GLY D 23 -12.01 12.26 21.26
N ALA D 24 -12.80 13.16 20.70
CA ALA D 24 -13.17 14.43 21.38
C ALA D 24 -14.05 14.10 22.58
N VAL D 25 -13.95 14.88 23.66
CA VAL D 25 -14.80 14.72 24.87
C VAL D 25 -15.52 16.06 25.14
N ALA D 26 -16.86 16.08 25.17
CA ALA D 26 -17.66 17.27 25.53
C ALA D 26 -17.44 17.57 27.02
N PRO D 27 -17.55 18.84 27.45
CA PRO D 27 -17.39 19.19 28.86
C PRO D 27 -18.19 18.32 29.85
N ASP D 28 -19.36 17.80 29.47
CA ASP D 28 -20.23 16.91 30.29
C ASP D 28 -19.77 15.44 30.24
N GLY D 29 -18.71 15.13 29.49
CA GLY D 29 -18.09 13.79 29.46
C GLY D 29 -18.56 12.93 28.30
N THR D 30 -19.50 13.40 27.47
CA THR D 30 -19.88 12.70 26.21
C THR D 30 -18.60 12.43 25.40
N ARG D 31 -18.35 11.16 25.05
CA ARG D 31 -17.19 10.74 24.23
C ARG D 31 -17.62 10.64 22.77
N GLU D 32 -16.84 11.26 21.90
CA GLU D 32 -17.00 11.11 20.43
C GLU D 32 -17.12 9.63 20.09
N ALA D 33 -16.29 8.77 20.69
CA ALA D 33 -16.25 7.32 20.37
C ALA D 33 -17.65 6.70 20.48
N ASP D 34 -18.42 7.07 21.51
CA ASP D 34 -19.80 6.55 21.71
C ASP D 34 -20.76 7.16 20.68
N LEU D 35 -20.62 8.46 20.41
CA LEU D 35 -21.43 9.11 19.36
C LEU D 35 -21.17 8.41 18.03
N ASN D 36 -19.92 8.05 17.77
CA ASN D 36 -19.52 7.48 16.46
C ASN D 36 -20.22 6.13 16.30
N LEU D 37 -20.14 5.28 17.31
CA LEU D 37 -20.70 3.91 17.26
C LEU D 37 -22.24 3.98 17.12
N ALA D 38 -22.91 4.81 17.91
CA ALA D 38 -24.39 5.01 17.85
C ALA D 38 -24.79 5.45 16.43
N GLN D 39 -24.12 6.46 15.88
CA GLN D 39 -24.47 7.00 14.54
C GLN D 39 -24.22 5.96 13.45
N ALA D 40 -23.12 5.21 13.51
CA ALA D 40 -22.80 4.15 12.53
C ALA D 40 -23.89 3.05 12.61
N LEU D 41 -24.31 2.65 13.80
CA LEU D 41 -25.34 1.58 13.96
C LEU D 41 -26.68 2.03 13.33
N THR D 42 -27.06 3.30 13.54
CA THR D 42 -28.29 3.85 12.94
C THR D 42 -28.14 3.95 11.43
N LEU D 43 -26.99 4.42 10.96
CA LEU D 43 -26.78 4.58 9.51
C LEU D 43 -26.92 3.23 8.82
N LYS D 44 -26.41 2.16 9.47
CA LYS D 44 -26.43 0.78 8.93
C LYS D 44 -27.87 0.33 8.64
N GLU D 45 -28.77 0.61 9.57
CA GLU D 45 -30.20 0.17 9.48
C GLU D 45 -30.77 0.72 8.15
N TYR D 46 -30.50 1.99 7.84
CA TYR D 46 -30.99 2.66 6.61
C TYR D 46 -30.28 2.11 5.37
N LEU D 47 -28.98 1.79 5.42
CA LEU D 47 -28.28 1.30 4.20
C LEU D 47 -28.73 -0.11 3.86
N VAL D 48 -29.00 -0.92 4.90
CA VAL D 48 -29.56 -2.30 4.78
C VAL D 48 -30.96 -2.20 4.11
N ALA D 49 -31.81 -1.31 4.60
CA ALA D 49 -33.16 -1.03 4.05
C ALA D 49 -33.05 -0.67 2.56
N LEU D 50 -31.98 -0.01 2.15
CA LEU D 50 -31.74 0.37 0.72
C LEU D 50 -31.08 -0.78 -0.04
N GLY D 51 -30.80 -1.90 0.63
CA GLY D 51 -30.42 -3.16 -0.01
C GLY D 51 -28.93 -3.33 -0.09
N TYR D 52 -28.17 -2.73 0.82
CA TYR D 52 -26.69 -2.84 0.87
C TYR D 52 -26.28 -3.71 2.06
N ARG D 53 -25.34 -4.63 1.84
CA ARG D 53 -24.66 -5.35 2.93
C ARG D 53 -23.63 -4.39 3.56
N VAL D 54 -23.75 -4.18 4.86
CA VAL D 54 -22.91 -3.21 5.61
C VAL D 54 -21.99 -3.97 6.57
N GLY D 55 -20.69 -3.66 6.57
CA GLY D 55 -19.73 -4.13 7.57
C GLY D 55 -19.29 -3.00 8.48
N PHE D 56 -18.74 -3.33 9.63
CA PHE D 56 -18.22 -2.36 10.61
C PHE D 56 -16.76 -2.73 10.87
N THR D 57 -15.94 -1.73 11.16
CA THR D 57 -14.59 -1.92 11.70
C THR D 57 -14.73 -2.28 13.18
N ARG D 58 -15.80 -1.81 13.81
CA ARG D 58 -16.05 -2.12 15.22
C ARG D 58 -17.54 -1.95 15.52
N THR D 59 -18.03 -2.75 16.44
CA THR D 59 -19.44 -2.78 16.85
C THR D 59 -19.52 -2.65 18.37
N SER D 60 -18.41 -2.36 19.03
CA SER D 60 -18.37 -2.27 20.50
C SER D 60 -17.31 -1.26 20.90
N ASP D 61 -17.21 -0.97 22.19
CA ASP D 61 -16.30 0.05 22.76
C ASP D 61 -14.88 -0.52 22.91
N VAL D 62 -14.23 -0.83 21.79
CA VAL D 62 -12.81 -1.30 21.77
C VAL D 62 -12.06 -0.44 20.76
N TYR D 63 -10.75 -0.25 20.98
CA TYR D 63 -9.92 0.54 20.06
C TYR D 63 -9.50 -0.38 18.94
N VAL D 64 -9.78 -0.04 17.70
CA VAL D 64 -9.21 -0.77 16.55
C VAL D 64 -8.08 0.09 15.96
N PRO D 65 -6.85 -0.44 15.81
CA PRO D 65 -5.78 0.30 15.15
C PRO D 65 -6.19 0.78 13.74
N LEU D 66 -5.72 1.97 13.38
CA LEU D 66 -6.05 2.61 12.08
C LEU D 66 -5.69 1.65 10.95
N SER D 67 -4.52 1.02 10.96
CA SER D 67 -4.16 0.09 9.86
C SER D 67 -5.14 -1.09 9.82
N GLU D 68 -5.62 -1.59 10.96
CA GLU D 68 -6.56 -2.74 11.01
C GLU D 68 -7.95 -2.34 10.50
N ARG D 69 -8.37 -1.07 10.67
CA ARG D 69 -9.67 -0.59 10.11
C ARG D 69 -9.66 -0.76 8.61
N ILE D 70 -8.57 -0.36 7.97
CA ILE D 70 -8.44 -0.46 6.50
C ILE D 70 -8.32 -1.93 6.07
N ALA D 71 -7.44 -2.71 6.71
CA ALA D 71 -7.23 -4.14 6.33
C ALA D 71 -8.57 -4.90 6.49
N MET D 72 -9.34 -4.65 7.56
CA MET D 72 -10.59 -5.41 7.74
C MET D 72 -11.55 -5.05 6.61
N ALA D 73 -11.56 -3.79 6.17
CA ALA D 73 -12.46 -3.34 5.09
C ALA D 73 -12.06 -4.03 3.80
N ARG D 74 -10.76 -4.18 3.57
CA ARG D 74 -10.27 -4.88 2.35
C ARG D 74 -10.62 -6.37 2.43
N ARG D 75 -10.47 -7.01 3.60
CA ARG D 75 -10.78 -8.45 3.81
C ARG D 75 -12.28 -8.71 3.58
N MET D 76 -13.14 -7.73 3.88
CA MET D 76 -14.61 -7.85 3.70
C MET D 76 -15.00 -7.64 2.24
N GLY D 77 -14.08 -7.25 1.38
CA GLY D 77 -14.35 -6.89 -0.02
C GLY D 77 -15.16 -5.62 -0.16
N ALA D 78 -15.13 -4.69 0.81
CA ALA D 78 -15.90 -3.42 0.72
C ALA D 78 -15.53 -2.67 -0.57
N ARG D 79 -16.51 -2.03 -1.19
CA ARG D 79 -16.34 -1.11 -2.36
C ARG D 79 -16.15 0.33 -1.85
N LEU D 80 -16.73 0.66 -0.70
CA LEU D 80 -16.81 2.01 -0.13
C LEU D 80 -16.37 1.95 1.32
N PHE D 81 -15.66 2.98 1.78
CA PHE D 81 -15.25 3.12 3.21
C PHE D 81 -15.76 4.46 3.71
N ILE D 82 -16.57 4.46 4.77
CA ILE D 82 -17.18 5.67 5.36
C ILE D 82 -16.78 5.71 6.83
N SER D 83 -15.92 6.65 7.16
CA SER D 83 -15.49 6.83 8.54
C SER D 83 -16.47 7.83 9.18
N VAL D 84 -16.90 7.54 10.40
CA VAL D 84 -17.93 8.29 11.16
C VAL D 84 -17.26 8.91 12.36
N HIS D 85 -17.14 10.24 12.33
CA HIS D 85 -16.55 11.06 13.42
C HIS D 85 -17.49 12.19 13.84
N HIS D 86 -17.14 12.80 14.96
CA HIS D 86 -17.70 14.07 15.45
C HIS D 86 -16.52 14.95 15.81
N ASP D 87 -16.68 16.24 15.58
CA ASP D 87 -15.59 17.22 15.66
C ASP D 87 -15.42 17.62 17.12
N THR D 88 -14.48 18.51 17.38
CA THR D 88 -14.25 19.16 18.69
C THR D 88 -15.58 19.72 19.20
N PRO D 89 -15.74 19.83 20.54
CA PRO D 89 -16.98 20.36 21.12
C PRO D 89 -17.41 21.75 20.64
N THR D 90 -16.47 22.57 20.15
CA THR D 90 -16.75 23.97 19.73
C THR D 90 -16.99 24.08 18.21
N ALA D 91 -16.71 23.03 17.43
CA ALA D 91 -16.98 23.01 15.97
C ALA D 91 -18.42 23.46 15.70
N SER D 92 -18.63 24.18 14.61
CA SER D 92 -19.94 24.76 14.21
C SER D 92 -20.54 23.93 13.07
N ARG D 93 -19.70 23.52 12.12
CA ARG D 93 -20.16 23.12 10.77
C ARG D 93 -19.78 21.66 10.57
N PRO D 94 -20.69 20.83 10.03
CA PRO D 94 -20.36 19.44 9.67
C PRO D 94 -19.58 19.43 8.35
N GLY D 95 -18.89 18.34 8.05
CA GLY D 95 -18.12 18.28 6.80
C GLY D 95 -17.63 16.88 6.53
N VAL D 96 -16.93 16.76 5.43
CA VAL D 96 -16.47 15.46 4.88
C VAL D 96 -15.06 15.67 4.35
N TYR D 97 -14.13 14.84 4.79
CA TYR D 97 -12.85 14.63 4.10
C TYR D 97 -13.01 13.51 3.08
N TYR D 98 -12.30 13.65 1.97
CA TYR D 98 -12.25 12.62 0.93
C TYR D 98 -10.79 12.28 0.61
N SER D 99 -10.55 11.00 0.32
CA SER D 99 -9.25 10.49 -0.14
C SER D 99 -9.07 10.90 -1.59
N PRO D 100 -7.85 10.79 -2.15
CA PRO D 100 -7.59 11.08 -3.56
C PRO D 100 -8.10 10.02 -4.55
N HIS D 101 -8.59 8.89 -4.05
CA HIS D 101 -9.14 7.82 -4.91
C HIS D 101 -10.26 8.37 -5.80
N PRO D 102 -10.34 7.98 -7.08
CA PRO D 102 -11.49 8.32 -7.92
C PRO D 102 -12.84 7.98 -7.30
N GLY D 103 -13.75 8.97 -7.30
CA GLY D 103 -15.10 8.86 -6.73
C GLY D 103 -15.17 9.35 -5.29
N SER D 104 -14.07 9.39 -4.54
CA SER D 104 -14.17 9.83 -3.12
C SER D 104 -14.74 11.25 -3.05
N GLU D 105 -14.25 12.16 -3.91
CA GLU D 105 -14.69 13.57 -3.87
C GLU D 105 -16.20 13.65 -4.23
N GLU D 106 -16.66 12.91 -5.24
CA GLU D 106 -18.12 12.90 -5.59
C GLU D 106 -18.94 12.35 -4.42
N LEU D 107 -18.45 11.29 -3.79
CA LEU D 107 -19.17 10.76 -2.60
C LEU D 107 -19.20 11.83 -1.51
N ALA D 108 -18.08 12.47 -1.23
CA ALA D 108 -17.99 13.51 -0.17
C ALA D 108 -18.99 14.64 -0.45
N ARG D 109 -19.07 15.09 -1.70
CA ARG D 109 -19.92 16.25 -2.09
C ARG D 109 -21.41 15.90 -1.98
N THR D 110 -21.84 14.70 -2.39
CA THR D 110 -23.26 14.30 -2.29
C THR D 110 -23.62 14.08 -0.81
N VAL D 111 -22.71 13.58 0.02
CA VAL D 111 -22.99 13.52 1.49
C VAL D 111 -23.07 14.93 2.06
N ALA D 112 -22.08 15.79 1.78
CA ALA D 112 -22.05 17.15 2.34
C ALA D 112 -23.32 17.94 1.93
N ALA D 113 -23.80 17.79 0.70
CA ALA D 113 -25.08 18.36 0.22
C ALA D 113 -26.22 18.00 1.18
N ALA D 114 -26.18 16.82 1.83
CA ALA D 114 -27.25 16.32 2.72
C ALA D 114 -27.03 16.75 4.17
N LEU D 115 -25.89 17.38 4.51
CA LEU D 115 -25.51 17.70 5.91
C LEU D 115 -25.97 19.11 6.32
N GLY D 116 -26.52 19.90 5.40
CA GLY D 116 -27.17 21.19 5.73
C GLY D 116 -26.21 22.36 5.64
N GLU D 117 -26.54 23.48 6.30
CA GLU D 117 -25.92 24.82 6.09
C GLU D 117 -24.47 24.79 6.59
N GLY D 118 -23.57 25.32 5.76
CA GLY D 118 -22.16 25.56 6.10
C GLY D 118 -21.33 24.30 5.95
N ALA D 119 -21.87 23.24 5.36
CA ALA D 119 -21.13 21.96 5.25
C ALA D 119 -19.89 22.23 4.41
N TRP D 120 -18.77 21.62 4.76
CA TRP D 120 -17.48 21.76 4.01
C TRP D 120 -17.05 20.39 3.46
N VAL D 121 -16.30 20.38 2.37
CA VAL D 121 -15.55 19.21 1.90
C VAL D 121 -14.08 19.61 1.80
N ARG D 122 -13.18 18.72 2.22
CA ARG D 122 -11.72 18.91 2.09
C ARG D 122 -11.09 17.59 1.66
N PRO D 123 -10.02 17.63 0.87
CA PRO D 123 -9.19 16.46 0.64
C PRO D 123 -8.43 16.17 1.95
N SER D 124 -8.01 14.93 2.14
CA SER D 124 -7.16 14.48 3.29
CA SER D 124 -7.20 14.52 3.32
C SER D 124 -5.89 15.35 3.38
N SER D 125 -5.40 15.83 2.24
CA SER D 125 -4.19 16.72 2.17
CA SER D 125 -4.21 16.73 2.15
C SER D 125 -4.39 18.02 2.95
N ALA D 126 -5.62 18.48 3.16
CA ALA D 126 -5.91 19.72 3.92
C ALA D 126 -6.09 19.42 5.41
N SER D 127 -6.15 18.15 5.84
CA SER D 127 -6.17 17.80 7.27
C SER D 127 -4.86 18.30 7.91
N ARG D 128 -4.81 18.32 9.24
CA ARG D 128 -3.69 18.91 10.00
C ARG D 128 -2.34 18.36 9.49
N PHE D 129 -2.18 17.04 9.34
CA PHE D 129 -0.86 16.46 9.01
C PHE D 129 -0.79 16.06 7.54
N GLY D 130 -1.79 16.43 6.75
CA GLY D 130 -1.73 16.40 5.27
C GLY D 130 -2.06 15.02 4.75
N ARG D 131 -2.62 14.17 5.61
CA ARG D 131 -2.93 12.75 5.26
CA ARG D 131 -3.04 12.80 5.20
C ARG D 131 -3.98 12.26 6.27
N LEU D 132 -4.85 11.36 5.85
CA LEU D 132 -5.76 10.61 6.74
C LEU D 132 -5.69 9.12 6.38
N TYR D 133 -5.98 8.29 7.37
CA TYR D 133 -5.93 6.83 7.19
C TYR D 133 -6.87 6.34 6.11
N ILE D 134 -7.96 7.07 5.84
CA ILE D 134 -8.89 6.73 4.73
C ILE D 134 -8.12 6.64 3.41
N ASP D 135 -6.95 7.29 3.28
CA ASP D 135 -6.19 7.32 2.00
C ASP D 135 -5.59 5.94 1.69
N ASP D 136 -5.51 5.04 2.68
CA ASP D 136 -5.00 3.65 2.49
C ASP D 136 -6.06 2.75 1.84
N PHE D 137 -7.34 3.13 1.79
CA PHE D 137 -8.41 2.27 1.26
C PHE D 137 -8.42 2.34 -0.27
N PRO D 138 -8.28 1.21 -1.01
CA PRO D 138 -8.25 1.24 -2.49
C PRO D 138 -9.65 1.34 -3.10
N GLY D 139 -10.33 2.44 -2.85
CA GLY D 139 -11.74 2.65 -3.24
C GLY D 139 -12.22 4.00 -2.75
N PRO D 140 -13.43 4.46 -3.15
CA PRO D 140 -14.01 5.68 -2.61
C PRO D 140 -14.00 5.58 -1.08
N ALA D 141 -13.47 6.61 -0.43
CA ALA D 141 -13.34 6.64 1.04
C ALA D 141 -13.51 8.07 1.51
N ILE D 142 -14.33 8.28 2.55
CA ILE D 142 -14.59 9.60 3.13
C ILE D 142 -14.57 9.44 4.65
N LEU D 143 -14.35 10.56 5.29
CA LEU D 143 -14.47 10.68 6.75
C LEU D 143 -15.47 11.81 7.02
N VAL D 144 -16.59 11.47 7.62
CA VAL D 144 -17.70 12.42 7.89
C VAL D 144 -17.55 12.94 9.31
N GLU D 145 -17.46 14.27 9.44
CA GLU D 145 -17.55 15.00 10.73
C GLU D 145 -19.00 15.45 10.88
N PHE D 146 -19.78 14.73 11.67
CA PHE D 146 -21.26 14.90 11.75
C PHE D 146 -21.63 16.19 12.50
N GLY D 147 -20.66 16.87 13.07
CA GLY D 147 -20.83 18.12 13.82
C GLY D 147 -20.04 17.98 15.11
N PRO D 148 -20.27 18.88 16.08
CA PRO D 148 -19.45 18.91 17.28
C PRO D 148 -19.85 17.73 18.16
N THR D 149 -18.88 17.29 18.97
CA THR D 149 -19.07 16.30 20.04
C THR D 149 -19.87 16.99 21.15
N ARG D 150 -21.10 16.51 21.35
CA ARG D 150 -22.06 16.90 22.43
C ARG D 150 -23.07 15.76 22.54
N PRO D 151 -23.94 15.72 23.57
CA PRO D 151 -25.01 14.73 23.63
C PRO D 151 -25.88 14.83 22.37
N ILE D 152 -26.32 13.69 21.87
CA ILE D 152 -27.06 13.59 20.59
C ILE D 152 -28.18 12.59 20.85
N SER D 153 -29.41 13.02 20.63
CA SER D 153 -30.63 12.22 20.85
C SER D 153 -30.74 11.17 19.74
N ARG D 154 -31.53 10.13 20.00
CA ARG D 154 -32.03 9.15 19.01
C ARG D 154 -32.56 9.90 17.79
N ALA D 155 -33.33 10.98 18.01
CA ALA D 155 -34.03 11.71 16.93
C ALA D 155 -33.01 12.30 15.95
N GLU D 156 -32.00 13.00 16.47
CA GLU D 156 -30.92 13.64 15.66
C GLU D 156 -30.12 12.57 14.92
N ARG D 157 -29.83 11.43 15.56
CA ARG D 157 -29.07 10.30 14.95
CA ARG D 157 -29.08 10.30 14.97
C ARG D 157 -29.85 9.75 13.78
N ILE D 158 -31.18 9.58 13.96
CA ILE D 158 -32.03 9.00 12.88
C ILE D 158 -32.04 10.01 11.73
N ALA D 159 -32.17 11.31 12.04
CA ALA D 159 -32.27 12.36 11.00
C ALA D 159 -30.97 12.38 10.20
N ARG D 160 -29.83 12.35 10.90
CA ARG D 160 -28.50 12.33 10.23
C ARG D 160 -28.42 11.11 9.32
N ALA D 161 -28.83 9.95 9.82
CA ALA D 161 -28.81 8.68 9.06
C ALA D 161 -29.71 8.79 7.82
N GLN D 162 -30.95 9.23 8.04
CA GLN D 162 -31.97 9.47 6.99
C GLN D 162 -31.33 10.36 5.93
N ALA D 163 -30.73 11.47 6.36
CA ALA D 163 -30.13 12.49 5.46
C ALA D 163 -29.04 11.86 4.57
N VAL D 164 -28.13 11.05 5.11
CA VAL D 164 -26.89 10.67 4.36
C VAL D 164 -27.06 9.32 3.67
N ALA D 165 -28.01 8.49 4.09
CA ALA D 165 -28.12 7.12 3.57
C ALA D 165 -28.48 7.17 2.08
N SER D 166 -29.41 8.02 1.68
CA SER D 166 -29.89 8.09 0.28
CA SER D 166 -29.88 8.08 0.28
C SER D 166 -28.72 8.43 -0.65
N PRO D 167 -28.03 9.58 -0.45
CA PRO D 167 -26.85 9.91 -1.28
C PRO D 167 -25.76 8.83 -1.29
N ILE D 168 -25.46 8.17 -0.16
CA ILE D 168 -24.46 7.04 -0.19
C ILE D 168 -25.01 5.92 -1.10
N ALA D 169 -26.28 5.56 -0.89
CA ALA D 169 -26.95 4.48 -1.68
C ALA D 169 -26.91 4.81 -3.18
N GLU D 170 -27.30 6.02 -3.55
CA GLU D 170 -27.26 6.54 -4.95
C GLU D 170 -25.84 6.48 -5.50
N PHE D 171 -24.84 6.94 -4.72
CA PHE D 171 -23.41 6.85 -5.14
C PHE D 171 -23.06 5.38 -5.45
N ALA D 172 -23.31 4.47 -4.50
CA ALA D 172 -23.03 3.01 -4.63
C ALA D 172 -23.68 2.47 -5.90
N ARG D 173 -24.96 2.76 -6.11
CA ARG D 173 -25.71 2.29 -7.31
C ARG D 173 -25.02 2.79 -8.58
N ARG D 174 -24.54 4.03 -8.59
CA ARG D 174 -24.03 4.71 -9.82
C ARG D 174 -22.55 4.37 -10.10
N TRP D 175 -21.72 4.07 -9.10
CA TRP D 175 -20.24 3.96 -9.26
C TRP D 175 -19.78 2.52 -9.33
N SER E 8 1.02 15.44 -24.66
CA SER E 8 1.70 16.76 -24.54
C SER E 8 0.69 17.87 -24.88
N ALA E 9 0.22 18.60 -23.86
CA ALA E 9 -0.66 19.78 -23.99
C ALA E 9 -0.15 20.86 -23.04
N TYR E 10 -0.17 22.13 -23.47
CA TYR E 10 0.21 23.30 -22.64
C TYR E 10 -1.01 23.74 -21.80
N ILE E 11 -2.19 23.77 -22.42
CA ILE E 11 -3.49 24.11 -21.79
C ILE E 11 -4.41 22.89 -21.83
N VAL E 12 -4.99 22.54 -20.68
CA VAL E 12 -6.06 21.50 -20.60
C VAL E 12 -7.39 22.21 -20.36
N LEU E 13 -8.37 21.99 -21.23
CA LEU E 13 -9.76 22.38 -20.95
C LEU E 13 -10.47 21.20 -20.29
N ASP E 14 -11.26 21.50 -19.27
CA ASP E 14 -12.06 20.51 -18.52
C ASP E 14 -13.53 20.90 -18.62
N PRO E 15 -14.31 20.37 -19.60
CA PRO E 15 -15.77 20.50 -19.59
C PRO E 15 -16.39 19.82 -18.37
N GLY E 16 -16.99 20.62 -17.48
CA GLY E 16 -17.58 20.11 -16.24
C GLY E 16 -18.56 18.99 -16.54
N HIS E 17 -18.62 18.01 -15.64
CA HIS E 17 -19.71 16.99 -15.63
C HIS E 17 -19.55 16.13 -16.88
N GLY E 18 -20.66 15.57 -17.39
CA GLY E 18 -20.59 14.61 -18.52
C GLY E 18 -21.23 13.28 -18.18
N GLY E 19 -21.62 12.52 -19.22
CA GLY E 19 -22.35 11.24 -19.10
C GLY E 19 -23.55 11.37 -18.18
N GLN E 20 -23.57 10.61 -17.08
CA GLN E 20 -24.70 10.52 -16.11
C GLN E 20 -24.76 11.76 -15.21
N ASP E 21 -23.74 12.63 -15.24
CA ASP E 21 -23.76 13.90 -14.48
C ASP E 21 -24.12 15.03 -15.44
N PRO E 22 -25.38 15.54 -15.39
CA PRO E 22 -25.84 16.56 -16.34
C PRO E 22 -25.37 17.96 -15.92
N GLY E 23 -24.90 18.08 -14.68
CA GLY E 23 -24.73 19.36 -13.97
C GLY E 23 -26.07 20.02 -13.84
N ALA E 24 -26.13 21.35 -13.96
CA ALA E 24 -27.40 22.12 -13.83
C ALA E 24 -28.29 21.78 -15.03
N VAL E 25 -29.61 21.73 -14.84
CA VAL E 25 -30.59 21.45 -15.93
C VAL E 25 -31.65 22.55 -15.93
N ALA E 26 -31.82 23.23 -17.07
CA ALA E 26 -32.82 24.32 -17.23
C ALA E 26 -34.21 23.70 -17.27
N PRO E 27 -35.29 24.45 -16.90
CA PRO E 27 -36.66 24.02 -17.17
C PRO E 27 -36.82 23.44 -18.58
N ASP E 28 -36.17 24.05 -19.58
CA ASP E 28 -36.02 23.57 -20.98
C ASP E 28 -35.69 22.08 -21.07
N GLY E 29 -34.85 21.57 -20.16
CA GLY E 29 -34.17 20.26 -20.25
C GLY E 29 -32.72 20.39 -20.71
N THR E 30 -32.27 21.60 -21.07
CA THR E 30 -30.86 21.89 -21.46
C THR E 30 -29.94 21.51 -20.31
N ARG E 31 -28.96 20.66 -20.58
CA ARG E 31 -27.95 20.12 -19.61
C ARG E 31 -26.67 20.95 -19.65
N GLU E 32 -26.27 21.45 -18.49
CA GLU E 32 -24.99 22.18 -18.37
C GLU E 32 -23.87 21.35 -19.03
N ALA E 33 -23.85 20.04 -18.81
CA ALA E 33 -22.81 19.15 -19.37
C ALA E 33 -22.67 19.40 -20.87
N ASP E 34 -23.79 19.56 -21.60
CA ASP E 34 -23.76 19.67 -23.08
C ASP E 34 -23.22 21.07 -23.40
N LEU E 35 -23.70 22.08 -22.69
CA LEU E 35 -23.20 23.48 -22.86
C LEU E 35 -21.70 23.53 -22.61
N ASN E 36 -21.21 22.79 -21.59
CA ASN E 36 -19.78 22.78 -21.20
C ASN E 36 -18.95 22.21 -22.34
N LEU E 37 -19.29 21.02 -22.83
CA LEU E 37 -18.54 20.34 -23.91
C LEU E 37 -18.51 21.23 -25.17
N ALA E 38 -19.66 21.78 -25.55
CA ALA E 38 -19.78 22.61 -26.79
C ALA E 38 -18.87 23.84 -26.64
N GLN E 39 -18.91 24.48 -25.47
CA GLN E 39 -18.16 25.74 -25.20
C GLN E 39 -16.67 25.42 -25.23
N ALA E 40 -16.25 24.30 -24.63
CA ALA E 40 -14.83 23.92 -24.58
C ALA E 40 -14.30 23.68 -26.00
N LEU E 41 -15.07 22.98 -26.84
CA LEU E 41 -14.63 22.61 -28.22
C LEU E 41 -14.39 23.89 -29.02
N THR E 42 -15.31 24.87 -28.92
CA THR E 42 -15.20 26.19 -29.58
C THR E 42 -13.97 26.93 -29.04
N LEU E 43 -13.81 27.00 -27.71
CA LEU E 43 -12.61 27.63 -27.09
C LEU E 43 -11.30 27.01 -27.63
N LYS E 44 -11.19 25.68 -27.74
CA LYS E 44 -9.99 25.00 -28.28
C LYS E 44 -9.59 25.58 -29.65
N GLU E 45 -10.54 25.79 -30.57
CA GLU E 45 -10.15 26.16 -31.98
C GLU E 45 -9.48 27.55 -31.93
N TYR E 46 -9.96 28.45 -31.07
CA TYR E 46 -9.33 29.78 -30.85
C TYR E 46 -7.92 29.64 -30.24
N LEU E 47 -7.76 28.79 -29.23
CA LEU E 47 -6.46 28.65 -28.55
C LEU E 47 -5.45 28.07 -29.53
N VAL E 48 -5.85 27.07 -30.34
CA VAL E 48 -4.95 26.45 -31.37
C VAL E 48 -4.57 27.52 -32.41
N ALA E 49 -5.55 28.29 -32.91
CA ALA E 49 -5.37 29.45 -33.82
C ALA E 49 -4.34 30.43 -33.23
N LEU E 50 -4.31 30.62 -31.90
CA LEU E 50 -3.34 31.52 -31.21
C LEU E 50 -2.02 30.77 -30.96
N GLY E 51 -1.88 29.52 -31.40
CA GLY E 51 -0.59 28.78 -31.45
C GLY E 51 -0.37 27.85 -30.26
N TYR E 52 -1.41 27.45 -29.52
CA TYR E 52 -1.27 26.61 -28.30
C TYR E 52 -1.74 25.18 -28.57
N ARG E 53 -1.05 24.23 -27.94
CA ARG E 53 -1.42 22.80 -27.84
C ARG E 53 -2.43 22.62 -26.70
N VAL E 54 -3.65 22.21 -27.04
CA VAL E 54 -4.82 22.11 -26.11
C VAL E 54 -5.21 20.65 -25.92
N GLY E 55 -5.24 20.19 -24.68
CA GLY E 55 -5.74 18.87 -24.27
C GLY E 55 -7.13 18.99 -23.66
N PHE E 56 -7.88 17.89 -23.62
CA PHE E 56 -9.22 17.84 -23.00
C PHE E 56 -9.23 16.75 -21.91
N THR E 57 -10.05 16.97 -20.88
CA THR E 57 -10.39 15.89 -19.92
C THR E 57 -11.39 14.91 -20.56
N ARG E 58 -12.27 15.43 -21.42
CA ARG E 58 -13.28 14.67 -22.20
C ARG E 58 -13.56 15.45 -23.48
N THR E 59 -13.82 14.72 -24.57
CA THR E 59 -14.27 15.26 -25.87
C THR E 59 -15.66 14.69 -26.23
N SER E 60 -16.35 14.05 -25.28
CA SER E 60 -17.68 13.44 -25.52
C SER E 60 -18.51 13.42 -24.23
N ASP E 61 -19.73 12.87 -24.31
CA ASP E 61 -20.70 12.88 -23.19
C ASP E 61 -20.41 11.68 -22.28
N VAL E 62 -19.22 11.65 -21.64
CA VAL E 62 -18.82 10.65 -20.60
C VAL E 62 -18.44 11.39 -19.31
N TYR E 63 -18.60 10.75 -18.14
CA TYR E 63 -18.27 11.37 -16.82
C TYR E 63 -16.84 10.99 -16.49
N VAL E 64 -15.96 11.97 -16.25
CA VAL E 64 -14.57 11.71 -15.79
C VAL E 64 -14.51 12.00 -14.30
N PRO E 65 -14.03 11.05 -13.45
CA PRO E 65 -13.89 11.32 -12.02
C PRO E 65 -13.04 12.60 -11.81
N LEU E 66 -13.39 13.38 -10.80
CA LEU E 66 -12.69 14.65 -10.53
C LEU E 66 -11.19 14.39 -10.37
N SER E 67 -10.78 13.32 -9.69
CA SER E 67 -9.35 13.03 -9.41
C SER E 67 -8.61 12.76 -10.72
N GLU E 68 -9.27 12.09 -11.65
CA GLU E 68 -8.66 11.69 -12.95
C GLU E 68 -8.59 12.91 -13.86
N ARG E 69 -9.49 13.89 -13.70
CA ARG E 69 -9.42 15.17 -14.49
C ARG E 69 -8.10 15.88 -14.19
N ILE E 70 -7.75 15.97 -12.91
CA ILE E 70 -6.45 16.54 -12.48
C ILE E 70 -5.27 15.66 -12.96
N ALA E 71 -5.34 14.36 -12.69
CA ALA E 71 -4.25 13.40 -12.99
C ALA E 71 -3.99 13.39 -14.51
N MET E 72 -5.05 13.42 -15.34
CA MET E 72 -4.92 13.49 -16.83
C MET E 72 -4.09 14.72 -17.20
N ALA E 73 -4.45 15.87 -16.65
CA ALA E 73 -3.81 17.17 -16.97
C ALA E 73 -2.32 17.07 -16.63
N ARG E 74 -2.00 16.48 -15.50
CA ARG E 74 -0.59 16.32 -15.04
C ARG E 74 0.16 15.40 -16.02
N ARG E 75 -0.40 14.25 -16.37
CA ARG E 75 0.26 13.31 -17.33
C ARG E 75 0.41 13.99 -18.70
N MET E 76 -0.43 14.97 -19.04
CA MET E 76 -0.30 15.69 -20.34
C MET E 76 0.76 16.80 -20.22
N GLY E 77 1.35 17.03 -19.03
CA GLY E 77 2.29 18.16 -18.81
C GLY E 77 1.62 19.54 -18.96
N ALA E 78 0.30 19.64 -18.73
CA ALA E 78 -0.46 20.92 -18.77
C ALA E 78 0.25 21.97 -17.88
N ARG E 79 0.32 23.21 -18.35
CA ARG E 79 0.80 24.38 -17.58
C ARG E 79 -0.43 25.06 -16.94
N LEU E 80 -1.57 25.10 -17.66
CA LEU E 80 -2.82 25.79 -17.21
C LEU E 80 -3.97 24.79 -17.20
N PHE E 81 -4.82 24.85 -16.17
CA PHE E 81 -6.06 24.03 -16.07
C PHE E 81 -7.28 24.94 -16.08
N ILE E 82 -8.10 24.82 -17.13
CA ILE E 82 -9.29 25.68 -17.36
C ILE E 82 -10.53 24.82 -17.32
N SER E 83 -11.28 24.87 -16.23
CA SER E 83 -12.59 24.16 -16.11
C SER E 83 -13.70 25.05 -16.70
N VAL E 84 -14.62 24.43 -17.44
CA VAL E 84 -15.69 25.08 -18.24
C VAL E 84 -17.02 24.58 -17.69
N HIS E 85 -17.75 25.50 -17.05
CA HIS E 85 -19.06 25.26 -16.41
C HIS E 85 -20.07 26.33 -16.85
N HIS E 86 -21.35 26.06 -16.57
CA HIS E 86 -22.42 27.09 -16.54
C HIS E 86 -23.14 26.99 -15.21
N ASP E 87 -23.77 28.08 -14.78
CA ASP E 87 -24.25 28.26 -13.40
C ASP E 87 -25.69 27.74 -13.34
N THR E 88 -26.36 27.91 -12.20
CA THR E 88 -27.80 27.54 -12.03
C THR E 88 -28.60 28.33 -13.07
N PRO E 89 -29.81 27.86 -13.45
CA PRO E 89 -30.61 28.57 -14.46
C PRO E 89 -30.95 30.03 -14.07
N THR E 90 -31.02 30.32 -12.77
CA THR E 90 -31.40 31.66 -12.21
C THR E 90 -30.19 32.60 -12.11
N ALA E 91 -28.95 32.07 -12.06
CA ALA E 91 -27.74 32.92 -12.00
C ALA E 91 -27.75 33.84 -13.24
N SER E 92 -27.33 35.09 -13.09
CA SER E 92 -27.37 36.10 -14.18
CA SER E 92 -27.37 36.12 -14.17
C SER E 92 -25.95 36.46 -14.65
N ARG E 93 -24.98 36.53 -13.73
CA ARG E 93 -23.63 37.11 -14.03
C ARG E 93 -22.60 36.00 -14.20
N PRO E 94 -21.76 36.07 -15.25
CA PRO E 94 -20.68 35.11 -15.44
C PRO E 94 -19.54 35.40 -14.45
N GLY E 95 -18.68 34.40 -14.21
CA GLY E 95 -17.59 34.60 -13.23
C GLY E 95 -16.55 33.50 -13.28
N VAL E 96 -15.50 33.67 -12.48
CA VAL E 96 -14.34 32.74 -12.51
C VAL E 96 -13.93 32.46 -11.07
N TYR E 97 -13.90 31.19 -10.72
CA TYR E 97 -13.24 30.69 -9.49
C TYR E 97 -11.76 30.46 -9.79
N TYR E 98 -10.90 30.82 -8.85
CA TYR E 98 -9.44 30.61 -9.00
C TYR E 98 -8.97 29.72 -7.83
N SER E 99 -8.04 28.80 -8.07
CA SER E 99 -7.34 28.00 -7.03
C SER E 99 -6.37 28.89 -6.24
N PRO E 100 -5.86 28.45 -5.07
CA PRO E 100 -4.84 29.22 -4.36
C PRO E 100 -3.46 29.25 -5.04
N HIS E 101 -3.24 28.44 -6.11
CA HIS E 101 -1.91 28.35 -6.77
C HIS E 101 -1.49 29.71 -7.33
N PRO E 102 -0.22 30.16 -7.15
CA PRO E 102 0.26 31.37 -7.79
C PRO E 102 -0.12 31.46 -9.26
N GLY E 103 -0.65 32.61 -9.72
CA GLY E 103 -1.07 32.86 -11.10
C GLY E 103 -2.55 32.63 -11.37
N SER E 104 -3.19 31.72 -10.62
CA SER E 104 -4.64 31.38 -10.75
C SER E 104 -5.47 32.66 -10.67
N GLU E 105 -5.26 33.49 -9.65
CA GLU E 105 -6.08 34.73 -9.51
C GLU E 105 -5.82 35.66 -10.72
N GLU E 106 -4.56 35.87 -11.07
CA GLU E 106 -4.20 36.77 -12.19
C GLU E 106 -4.91 36.27 -13.47
N LEU E 107 -4.92 34.96 -13.72
CA LEU E 107 -5.62 34.41 -14.90
C LEU E 107 -7.12 34.65 -14.76
N ALA E 108 -7.69 34.35 -13.60
CA ALA E 108 -9.14 34.54 -13.36
C ALA E 108 -9.55 35.99 -13.70
N ARG E 109 -8.78 36.96 -13.22
CA ARG E 109 -9.11 38.40 -13.40
C ARG E 109 -9.01 38.78 -14.87
N THR E 110 -7.99 38.32 -15.62
CA THR E 110 -7.85 38.67 -17.06
CA THR E 110 -7.86 38.69 -17.06
C THR E 110 -9.03 38.05 -17.83
N VAL E 111 -9.42 36.83 -17.48
CA VAL E 111 -10.63 36.19 -18.10
C VAL E 111 -11.88 36.99 -17.72
N ALA E 112 -12.08 37.28 -16.43
CA ALA E 112 -13.30 37.93 -15.92
C ALA E 112 -13.49 39.30 -16.61
N ALA E 113 -12.40 40.02 -16.86
CA ALA E 113 -12.33 41.33 -17.57
C ALA E 113 -12.99 41.24 -18.97
N ALA E 114 -12.90 40.08 -19.65
CA ALA E 114 -13.43 39.87 -21.02
C ALA E 114 -14.88 39.34 -21.01
N LEU E 115 -15.46 39.01 -19.85
CA LEU E 115 -16.81 38.39 -19.74
C LEU E 115 -17.89 39.46 -19.47
N GLY E 116 -17.54 40.75 -19.49
CA GLY E 116 -18.50 41.86 -19.53
C GLY E 116 -18.96 42.33 -18.16
N GLU E 117 -20.10 43.02 -18.15
CA GLU E 117 -20.61 43.78 -16.98
C GLU E 117 -21.00 42.76 -15.92
N GLY E 118 -20.59 43.00 -14.68
CA GLY E 118 -21.05 42.21 -13.53
C GLY E 118 -20.26 40.91 -13.37
N ALA E 119 -19.28 40.62 -14.24
CA ALA E 119 -18.38 39.44 -14.09
C ALA E 119 -17.74 39.47 -12.71
N TRP E 120 -17.66 38.33 -12.04
CA TRP E 120 -17.09 38.19 -10.66
C TRP E 120 -15.92 37.22 -10.69
N VAL E 121 -15.06 37.32 -9.67
CA VAL E 121 -14.00 36.34 -9.41
C VAL E 121 -14.14 35.96 -7.95
N ARG E 122 -13.98 34.68 -7.67
CA ARG E 122 -13.97 34.20 -6.27
C ARG E 122 -12.86 33.17 -6.13
N PRO E 123 -12.23 33.11 -4.94
CA PRO E 123 -11.39 31.96 -4.63
C PRO E 123 -12.27 30.71 -4.47
N SER E 124 -11.67 29.53 -4.66
CA SER E 124 -12.28 28.20 -4.39
C SER E 124 -12.87 28.15 -2.97
N SER E 125 -12.24 28.79 -2.00
CA SER E 125 -12.73 28.81 -0.59
C SER E 125 -14.12 29.44 -0.51
N ALA E 126 -14.56 30.24 -1.49
CA ALA E 126 -15.86 30.92 -1.43
C ALA E 126 -16.92 30.09 -2.15
N SER E 127 -16.57 28.96 -2.79
CA SER E 127 -17.53 28.00 -3.39
C SER E 127 -18.41 27.37 -2.29
N ARG E 128 -19.46 26.68 -2.71
CA ARG E 128 -20.48 26.10 -1.79
C ARG E 128 -19.84 25.32 -0.63
N PHE E 129 -18.90 24.40 -0.90
CA PHE E 129 -18.30 23.55 0.18
C PHE E 129 -16.88 24.01 0.57
N GLY E 130 -16.44 25.15 0.03
CA GLY E 130 -15.22 25.83 0.49
C GLY E 130 -13.98 25.27 -0.17
N ARG E 131 -14.14 24.51 -1.25
CA ARG E 131 -13.01 23.92 -1.97
C ARG E 131 -13.51 23.49 -3.33
N LEU E 132 -12.63 23.47 -4.33
CA LEU E 132 -12.95 22.92 -5.67
C LEU E 132 -11.82 22.02 -6.13
N TYR E 133 -12.16 21.08 -7.00
CA TYR E 133 -11.20 20.05 -7.49
C TYR E 133 -10.03 20.70 -8.21
N ILE E 134 -10.22 21.90 -8.77
CA ILE E 134 -9.14 22.66 -9.46
C ILE E 134 -7.98 22.95 -8.48
N ASP E 135 -8.23 22.97 -7.16
CA ASP E 135 -7.19 23.25 -6.12
C ASP E 135 -6.13 22.15 -6.09
N ASP E 136 -6.42 20.96 -6.65
CA ASP E 136 -5.48 19.81 -6.67
C ASP E 136 -4.50 20.00 -7.84
N PHE E 137 -4.74 20.89 -8.81
CA PHE E 137 -3.82 21.05 -9.96
C PHE E 137 -2.58 21.85 -9.55
N PRO E 138 -1.33 21.36 -9.77
CA PRO E 138 -0.15 22.10 -9.33
C PRO E 138 0.27 23.09 -10.43
N GLY E 139 -0.52 24.16 -10.58
CA GLY E 139 -0.32 25.19 -11.61
C GLY E 139 -1.50 26.15 -11.61
N PRO E 140 -1.48 27.24 -12.40
CA PRO E 140 -2.62 28.14 -12.47
C PRO E 140 -3.85 27.33 -12.94
N ALA E 141 -4.93 27.41 -12.15
CA ALA E 141 -6.15 26.61 -12.34
C ALA E 141 -7.36 27.51 -12.15
N ILE E 142 -8.31 27.51 -13.09
CA ILE E 142 -9.54 28.33 -12.93
C ILE E 142 -10.74 27.50 -13.35
N LEU E 143 -11.89 27.90 -12.85
CA LEU E 143 -13.19 27.32 -13.23
C LEU E 143 -14.07 28.48 -13.67
N VAL E 144 -14.34 28.55 -14.98
CA VAL E 144 -15.18 29.61 -15.60
C VAL E 144 -16.66 29.19 -15.56
N GLU E 145 -17.52 30.04 -14.99
CA GLU E 145 -19.00 29.98 -15.10
C GLU E 145 -19.41 30.99 -16.18
N PHE E 146 -19.60 30.50 -17.40
CA PHE E 146 -20.08 31.27 -18.57
C PHE E 146 -21.57 31.63 -18.43
N GLY E 147 -22.04 31.96 -17.22
CA GLY E 147 -23.42 32.39 -16.98
C GLY E 147 -24.38 31.22 -16.83
N PRO E 148 -25.70 31.47 -16.76
CA PRO E 148 -26.67 30.44 -16.41
C PRO E 148 -26.74 29.31 -17.45
N THR E 149 -27.13 28.14 -16.97
CA THR E 149 -27.53 26.99 -17.83
C THR E 149 -28.90 27.34 -18.42
N ARG E 150 -28.86 27.65 -19.70
CA ARG E 150 -29.99 28.08 -20.55
C ARG E 150 -29.61 27.69 -21.97
N PRO E 151 -30.58 27.61 -22.92
CA PRO E 151 -30.24 27.40 -24.32
C PRO E 151 -29.34 28.56 -24.78
N ILE E 152 -28.31 28.23 -25.55
CA ILE E 152 -27.20 29.14 -25.94
C ILE E 152 -26.94 28.89 -27.43
N SER E 153 -27.05 29.93 -28.24
CA SER E 153 -26.88 29.90 -29.71
C SER E 153 -25.40 29.75 -30.06
N ARG E 154 -25.08 29.27 -31.26
CA ARG E 154 -23.69 29.11 -31.75
C ARG E 154 -22.98 30.47 -31.74
N ALA E 155 -23.70 31.59 -31.97
CA ALA E 155 -23.13 32.96 -31.99
C ALA E 155 -22.64 33.36 -30.57
N GLU E 156 -23.46 33.19 -29.54
CA GLU E 156 -23.05 33.51 -28.13
C GLU E 156 -21.84 32.63 -27.74
N ARG E 157 -21.86 31.35 -28.12
CA ARG E 157 -20.76 30.38 -27.91
C ARG E 157 -19.47 30.90 -28.54
N ILE E 158 -19.50 31.32 -29.80
CA ILE E 158 -18.28 31.84 -30.49
C ILE E 158 -17.85 33.16 -29.83
N ALA E 159 -18.78 34.09 -29.55
CA ALA E 159 -18.49 35.35 -28.82
C ALA E 159 -17.77 35.04 -27.49
N ARG E 160 -18.22 34.02 -26.75
CA ARG E 160 -17.66 33.70 -25.40
C ARG E 160 -16.26 33.14 -25.58
N ALA E 161 -16.12 32.20 -26.52
CA ALA E 161 -14.83 31.58 -26.89
C ALA E 161 -13.84 32.69 -27.26
N GLN E 162 -14.27 33.63 -28.10
CA GLN E 162 -13.33 34.66 -28.61
C GLN E 162 -12.97 35.57 -27.44
N ALA E 163 -13.95 35.98 -26.63
CA ALA E 163 -13.74 36.88 -25.49
C ALA E 163 -12.61 36.32 -24.60
N VAL E 164 -12.61 35.03 -24.25
CA VAL E 164 -11.70 34.49 -23.21
C VAL E 164 -10.40 33.96 -23.82
N ALA E 165 -10.37 33.61 -25.11
CA ALA E 165 -9.17 32.94 -25.68
C ALA E 165 -7.98 33.91 -25.68
N SER E 166 -8.20 35.20 -25.96
CA SER E 166 -7.15 36.23 -25.97
C SER E 166 -6.51 36.29 -24.59
N PRO E 167 -7.28 36.54 -23.49
CA PRO E 167 -6.69 36.62 -22.16
C PRO E 167 -5.96 35.35 -21.74
N ILE E 168 -6.54 34.18 -21.99
CA ILE E 168 -5.87 32.89 -21.64
C ILE E 168 -4.49 32.82 -22.34
N ALA E 169 -4.45 33.13 -23.64
CA ALA E 169 -3.23 33.10 -24.48
C ALA E 169 -2.17 34.09 -23.95
N GLU E 170 -2.55 35.34 -23.68
CA GLU E 170 -1.63 36.38 -23.13
C GLU E 170 -1.09 35.92 -21.78
N PHE E 171 -1.95 35.38 -20.91
CA PHE E 171 -1.51 34.80 -19.61
C PHE E 171 -0.47 33.71 -19.86
N ALA E 172 -0.76 32.78 -20.77
CA ALA E 172 0.14 31.66 -21.14
C ALA E 172 1.52 32.20 -21.57
N ARG E 173 1.53 33.25 -22.39
CA ARG E 173 2.76 33.91 -22.93
C ARG E 173 3.56 34.61 -21.82
N ARG E 174 2.90 35.36 -20.94
CA ARG E 174 3.59 36.19 -19.90
C ARG E 174 4.07 35.27 -18.76
N TRP E 175 3.25 34.30 -18.31
CA TRP E 175 3.60 33.37 -17.21
C TRP E 175 4.34 32.16 -17.77
#